data_7RY1
#
_entry.id   7RY1
#
_cell.length_a   159.850
_cell.length_b   311.964
_cell.length_c   88.150
_cell.angle_alpha   90.000
_cell.angle_beta   90.000
_cell.angle_gamma   90.000
#
_symmetry.space_group_name_H-M   'C 2 2 21'
#
loop_
_entity.id
_entity.type
_entity.pdbx_description
1 polymer 'Heat shock protein HSP 90-alpha'
2 non-polymer N-[2-(1-MALEIMIDYL)ETHYL]-7-DIETHYLAMINOCOUMARIN-3-CARBOXAMIDE
#
_entity_poly.entity_id   1
_entity_poly.type   'polypeptide(L)'
_entity_poly.pdbx_seq_one_letter_code
;GHMTKPIWTRNPDDITNEEYGEFYKSLTNDWEDHLAVKHFSVEGQLEFRALLFVPRRAPFDLFENRKKKNNIKLYVRRVF
IMDNCEELIPEYLNFIRGVVDSEDLPLNISREMLQQSKILKVIRKNLVKKCLELFTELAEDKENYKKFYEQFSKNIKLGI
HEDSQNRKKLSELLRYYTSASGDEMVSLKDYCTRMKENQKHIYYITGETKDQVANSAFVERLRKHGLEVIYMIEPIDEYC
VQQLKEFEGKTLVSVTKEGLELPEDEEEKKKQEEKKTKFENLCKIMKDILEKKVEKVVVSNRLVTSPCCIVTSTYGWTAN
MERIMKAQALRDNSTMGYMAAKKHLEINPDHSIIETLRQKAEADKNDKSVKDLVILLYETALLSSGFSLEDPQTHANRIY
RMIKLGLGIDEDDPTADDTSAAVTE
;
_entity_poly.pdbx_strand_id   A,B,C
#
loop_
_chem_comp.id
_chem_comp.type
_chem_comp.name
_chem_comp.formula
MDC non-polymer N-[2-(1-MALEIMIDYL)ETHYL]-7-DIETHYLAMINOCOUMARIN-3-CARBOXAMIDE 'C20 H21 N3 O5'
#
# COMPACT_ATOMS: atom_id res chain seq x y z
N THR A 4 43.28 9.55 -13.52
CA THR A 4 42.98 9.40 -14.94
C THR A 4 41.47 9.36 -15.19
N LYS A 5 40.92 8.14 -15.32
CA LYS A 5 39.50 8.02 -15.62
C LYS A 5 38.74 7.38 -14.47
N PRO A 6 37.46 7.70 -14.30
CA PRO A 6 36.67 7.06 -13.26
C PRO A 6 36.32 5.63 -13.62
N ILE A 7 35.95 4.86 -12.59
CA ILE A 7 35.87 3.41 -12.74
C ILE A 7 34.75 3.01 -13.68
N TRP A 8 33.66 3.77 -13.72
CA TRP A 8 32.55 3.42 -14.60
C TRP A 8 32.74 3.88 -16.04
N THR A 9 33.80 4.63 -16.34
CA THR A 9 34.06 5.02 -17.72
C THR A 9 34.87 3.96 -18.46
N ARG A 10 35.77 3.29 -17.75
CA ARG A 10 36.37 2.09 -18.29
C ARG A 10 35.28 1.07 -18.58
N ASN A 11 35.38 0.39 -19.70
CA ASN A 11 34.26 -0.33 -20.29
C ASN A 11 34.23 -1.77 -19.80
N PRO A 12 33.09 -2.46 -19.93
CA PRO A 12 32.82 -3.61 -19.04
C PRO A 12 33.87 -4.72 -19.08
N ASP A 13 34.19 -5.23 -20.28
CA ASP A 13 35.09 -6.36 -20.43
C ASP A 13 36.56 -5.99 -20.25
N ASP A 14 36.85 -4.72 -19.98
CA ASP A 14 38.19 -4.30 -19.60
C ASP A 14 38.37 -4.13 -18.08
N ILE A 15 37.50 -4.71 -17.27
CA ILE A 15 37.59 -4.59 -15.82
C ILE A 15 37.49 -5.97 -15.18
N THR A 16 38.39 -6.25 -14.24
CA THR A 16 38.37 -7.51 -13.50
C THR A 16 37.27 -7.48 -12.45
N ASN A 17 36.67 -8.65 -12.21
CA ASN A 17 35.57 -8.74 -11.25
C ASN A 17 35.98 -8.32 -9.84
N GLU A 18 37.25 -8.45 -9.49
CA GLU A 18 37.69 -7.98 -8.18
C GLU A 18 37.81 -6.45 -8.15
N GLU A 19 38.18 -5.82 -9.26
CA GLU A 19 38.18 -4.36 -9.30
C GLU A 19 36.77 -3.82 -9.12
N TYR A 20 35.81 -4.40 -9.82
CA TYR A 20 34.41 -4.10 -9.58
C TYR A 20 34.07 -4.22 -8.11
N GLY A 21 34.44 -5.35 -7.50
CA GLY A 21 34.13 -5.59 -6.10
C GLY A 21 34.71 -4.54 -5.17
N GLU A 22 36.00 -4.24 -5.34
CA GLU A 22 36.62 -3.19 -4.53
C GLU A 22 35.85 -1.89 -4.65
N PHE A 23 35.28 -1.63 -5.84
CA PHE A 23 34.46 -0.45 -6.03
C PHE A 23 33.13 -0.57 -5.29
N TYR A 24 32.44 -1.70 -5.46
CA TYR A 24 31.16 -1.88 -4.79
C TYR A 24 31.30 -1.85 -3.28
N LYS A 25 32.39 -2.44 -2.74
CA LYS A 25 32.65 -2.31 -1.31
C LYS A 25 32.82 -0.85 -0.92
N SER A 26 33.65 -0.12 -1.68
CA SER A 26 33.87 1.29 -1.39
C SER A 26 32.61 2.12 -1.60
N LEU A 27 31.62 1.60 -2.31
CA LEU A 27 30.40 2.35 -2.56
C LEU A 27 29.32 2.10 -1.51
N THR A 28 29.31 0.90 -0.91
CA THR A 28 28.22 0.53 -0.01
C THR A 28 28.67 0.03 1.36
N ASN A 29 29.97 0.01 1.65
CA ASN A 29 30.52 -0.52 2.89
C ASN A 29 30.12 -1.97 3.16
N ASP A 30 29.56 -2.66 2.17
CA ASP A 30 29.25 -4.08 2.33
C ASP A 30 30.53 -4.87 2.56
N TRP A 31 30.47 -5.82 3.50
CA TRP A 31 31.67 -6.56 3.86
C TRP A 31 32.04 -7.62 2.83
N GLU A 32 31.09 -8.13 2.07
CA GLU A 32 31.38 -9.06 0.99
C GLU A 32 31.14 -8.38 -0.36
N ASP A 33 31.79 -8.90 -1.39
CA ASP A 33 31.75 -8.26 -2.70
C ASP A 33 30.35 -8.35 -3.30
N HIS A 34 30.23 -7.85 -4.52
CA HIS A 34 28.97 -7.88 -5.24
C HIS A 34 28.58 -9.31 -5.60
N LEU A 35 27.31 -9.50 -5.95
CA LEU A 35 26.85 -10.77 -6.47
C LEU A 35 26.95 -10.84 -7.98
N ALA A 36 26.41 -9.84 -8.68
CA ALA A 36 26.49 -9.76 -10.12
C ALA A 36 26.58 -8.28 -10.51
N VAL A 37 27.04 -8.03 -11.74
CA VAL A 37 27.26 -6.67 -12.22
C VAL A 37 26.79 -6.58 -13.67
N LYS A 38 26.03 -5.54 -13.98
CA LYS A 38 25.73 -5.17 -15.35
C LYS A 38 26.23 -3.75 -15.59
N HIS A 39 26.98 -3.56 -16.67
CA HIS A 39 27.69 -2.32 -16.93
C HIS A 39 27.53 -1.99 -18.40
N PHE A 40 26.85 -0.88 -18.71
CA PHE A 40 26.48 -0.60 -20.09
C PHE A 40 26.47 0.90 -20.33
N SER A 41 26.59 1.27 -21.60
CA SER A 41 26.56 2.66 -22.04
C SER A 41 25.46 2.82 -23.08
N VAL A 42 25.06 4.07 -23.33
CA VAL A 42 23.98 4.40 -24.25
C VAL A 42 24.36 5.63 -25.06
N GLU A 43 24.18 5.56 -26.37
CA GLU A 43 24.38 6.68 -27.28
C GLU A 43 23.12 6.89 -28.10
N GLY A 44 22.96 8.12 -28.61
CA GLY A 44 21.80 8.45 -29.42
C GLY A 44 21.38 9.88 -29.16
N GLN A 45 20.07 10.11 -29.09
CA GLN A 45 19.58 11.40 -28.61
C GLN A 45 20.11 11.69 -27.21
N LEU A 46 20.36 10.64 -26.43
CA LEU A 46 20.92 10.75 -25.08
C LEU A 46 22.20 9.95 -24.98
N GLU A 47 23.19 10.54 -24.33
CA GLU A 47 24.46 9.88 -24.02
C GLU A 47 24.52 9.71 -22.51
N PHE A 48 24.64 8.48 -22.04
CA PHE A 48 24.79 8.24 -20.61
C PHE A 48 25.31 6.82 -20.38
N ARG A 49 26.03 6.67 -19.28
CA ARG A 49 26.62 5.40 -18.87
C ARG A 49 25.97 4.97 -17.56
N ALA A 50 26.03 3.66 -17.29
CA ALA A 50 25.41 3.16 -16.07
C ALA A 50 26.11 1.90 -15.60
N LEU A 51 26.50 1.89 -14.33
CA LEU A 51 27.13 0.74 -13.67
C LEU A 51 26.26 0.31 -12.49
N LEU A 52 25.80 -0.95 -12.52
CA LEU A 52 24.82 -1.45 -11.56
C LEU A 52 25.33 -2.69 -10.83
N PHE A 53 25.00 -2.79 -9.54
CA PHE A 53 25.44 -3.89 -8.69
C PHE A 53 24.24 -4.54 -8.02
N VAL A 54 24.34 -5.84 -7.78
CA VAL A 54 23.32 -6.57 -7.02
C VAL A 54 23.97 -7.10 -5.75
N PRO A 55 23.63 -6.59 -4.57
CA PRO A 55 24.29 -7.04 -3.34
C PRO A 55 23.98 -8.50 -3.02
N ARG A 56 24.90 -9.13 -2.32
CA ARG A 56 24.77 -10.54 -1.95
C ARG A 56 23.63 -10.77 -0.96
N ARG A 57 23.61 -9.98 0.10
CA ARG A 57 22.58 -10.09 1.12
C ARG A 57 21.50 -9.08 0.79
N ALA A 58 20.26 -9.56 0.70
CA ALA A 58 19.14 -8.69 0.34
C ALA A 58 19.04 -7.53 1.32
N PRO A 59 19.03 -6.29 0.85
CA PRO A 59 19.04 -5.14 1.76
C PRO A 59 17.76 -5.08 2.58
N PHE A 60 17.74 -4.17 3.55
CA PHE A 60 16.59 -4.14 4.43
C PHE A 60 15.50 -3.22 3.90
N ASP A 61 14.29 -3.43 4.40
CA ASP A 61 13.08 -2.85 3.81
C ASP A 61 12.94 -1.35 4.07
N LEU A 62 13.82 -0.79 4.90
CA LEU A 62 13.96 0.67 5.05
C LEU A 62 12.82 1.54 5.59
N PHE A 63 12.02 0.95 6.47
CA PHE A 63 10.92 1.64 7.16
C PHE A 63 9.75 1.94 6.24
N GLU A 64 9.96 1.68 4.97
CA GLU A 64 8.94 1.91 3.96
C GLU A 64 8.84 3.41 3.92
N ASN A 65 9.74 4.05 4.64
CA ASN A 65 9.75 5.49 4.73
C ASN A 65 9.77 6.06 3.31
N ARG A 66 10.30 5.25 2.41
CA ARG A 66 10.46 5.63 1.01
C ARG A 66 11.43 6.80 0.88
N LYS A 67 12.06 7.18 1.99
CA LYS A 67 13.06 8.24 1.98
C LYS A 67 14.30 7.85 1.20
N LYS A 68 14.41 6.60 0.75
CA LYS A 68 15.45 6.16 -0.18
C LYS A 68 14.77 5.27 -1.23
N LYS A 69 14.15 5.91 -2.21
CA LYS A 69 13.58 5.18 -3.34
C LYS A 69 14.63 4.33 -4.04
N ASN A 70 15.88 4.77 -4.01
CA ASN A 70 17.00 4.02 -4.55
C ASN A 70 18.28 4.53 -3.91
N ASN A 71 19.37 3.81 -4.17
CA ASN A 71 20.69 4.20 -3.70
C ASN A 71 21.63 4.44 -4.87
N ILE A 72 21.08 4.78 -6.03
CA ILE A 72 21.89 5.04 -7.22
C ILE A 72 22.53 6.42 -7.09
N LYS A 73 23.84 6.44 -6.85
CA LYS A 73 24.56 7.70 -6.91
C LYS A 73 24.50 8.23 -8.33
N LEU A 74 24.19 9.51 -8.48
CA LEU A 74 23.87 10.07 -9.79
C LEU A 74 24.89 11.14 -10.16
N TYR A 75 25.57 10.93 -11.28
CA TYR A 75 26.54 11.88 -11.82
C TYR A 75 26.07 12.43 -13.16
N VAL A 76 26.47 13.67 -13.45
CA VAL A 76 26.30 14.27 -14.77
C VAL A 76 27.64 14.82 -15.22
N ARG A 77 28.09 14.37 -16.39
CA ARG A 77 29.40 14.76 -16.93
C ARG A 77 30.50 14.60 -15.87
N ARG A 78 30.42 13.49 -15.12
CA ARG A 78 31.42 13.08 -14.14
C ARG A 78 31.45 13.98 -12.90
N VAL A 79 30.33 14.56 -12.50
CA VAL A 79 30.23 15.25 -11.22
C VAL A 79 29.04 14.70 -10.44
N PHE A 80 29.24 14.46 -9.15
CA PHE A 80 28.21 13.91 -8.29
C PHE A 80 27.06 14.90 -8.16
N ILE A 81 25.85 14.37 -8.00
CA ILE A 81 24.68 15.23 -7.85
C ILE A 81 23.83 14.74 -6.68
N MET A 82 23.15 13.61 -6.84
CA MET A 82 22.27 13.08 -5.82
C MET A 82 22.64 11.65 -5.46
N ASP A 83 22.10 11.20 -4.33
CA ASP A 83 22.22 9.83 -3.87
C ASP A 83 20.91 9.05 -3.95
N ASN A 84 19.77 9.72 -3.78
CA ASN A 84 18.45 9.09 -3.83
C ASN A 84 17.63 9.76 -4.94
N CYS A 85 17.59 9.15 -6.12
CA CYS A 85 16.89 9.72 -7.27
C CYS A 85 15.55 9.02 -7.47
N GLU A 86 14.46 9.71 -7.12
CA GLU A 86 13.16 9.03 -6.97
C GLU A 86 12.69 8.39 -8.26
N GLU A 87 12.62 9.15 -9.35
CA GLU A 87 12.10 8.63 -10.60
C GLU A 87 13.18 8.07 -11.50
N LEU A 88 14.40 7.88 -10.99
CA LEU A 88 15.46 7.29 -11.79
C LEU A 88 15.33 5.77 -11.90
N ILE A 89 14.66 5.14 -10.94
CA ILE A 89 14.53 3.68 -10.89
C ILE A 89 13.20 3.35 -10.24
N PRO A 90 12.46 2.37 -10.78
CA PRO A 90 11.20 1.97 -10.14
C PRO A 90 11.47 1.42 -8.76
N GLU A 91 10.47 1.55 -7.88
CA GLU A 91 10.68 1.26 -6.47
C GLU A 91 11.13 -0.17 -6.24
N TYR A 92 10.66 -1.13 -7.05
CA TYR A 92 10.99 -2.53 -6.78
C TYR A 92 12.41 -2.91 -7.16
N LEU A 93 13.23 -1.99 -7.67
CA LEU A 93 14.64 -2.28 -7.94
C LEU A 93 15.57 -1.50 -7.02
N ASN A 94 15.05 -0.97 -5.91
CA ASN A 94 15.82 -0.09 -5.04
C ASN A 94 17.06 -0.74 -4.47
N PHE A 95 17.16 -2.07 -4.53
CA PHE A 95 18.32 -2.76 -3.99
C PHE A 95 19.55 -2.60 -4.87
N ILE A 96 19.35 -2.25 -6.15
CA ILE A 96 20.50 -2.01 -7.01
C ILE A 96 21.33 -0.88 -6.45
N ARG A 97 22.63 -1.07 -6.44
CA ARG A 97 23.59 -0.04 -6.08
C ARG A 97 24.42 0.28 -7.30
N GLY A 98 24.88 1.52 -7.41
CA GLY A 98 25.74 1.88 -8.51
C GLY A 98 25.66 3.36 -8.81
N VAL A 99 26.12 3.70 -10.01
CA VAL A 99 26.23 5.07 -10.47
C VAL A 99 25.59 5.20 -11.84
N VAL A 100 25.19 6.43 -12.17
CA VAL A 100 24.61 6.77 -13.47
C VAL A 100 25.17 8.12 -13.87
N ASP A 101 25.90 8.16 -14.99
CA ASP A 101 26.62 9.35 -15.43
C ASP A 101 26.03 9.82 -16.75
N SER A 102 25.16 10.82 -16.67
CA SER A 102 24.58 11.35 -17.89
C SER A 102 25.44 12.48 -18.44
N GLU A 103 25.41 12.65 -19.75
CA GLU A 103 26.17 13.69 -20.43
C GLU A 103 25.31 14.90 -20.78
N ASP A 104 23.98 14.78 -20.77
CA ASP A 104 23.12 15.76 -21.41
C ASP A 104 21.92 16.24 -20.59
N LEU A 105 21.62 15.67 -19.41
CA LEU A 105 20.32 16.00 -18.84
C LEU A 105 20.32 17.39 -18.21
N PRO A 106 19.16 18.05 -18.15
CA PRO A 106 19.09 19.40 -17.58
C PRO A 106 18.84 19.37 -16.08
N LEU A 107 19.65 20.14 -15.35
CA LEU A 107 19.67 20.07 -13.88
C LEU A 107 18.69 21.04 -13.25
N ASN A 108 18.87 22.34 -13.46
CA ASN A 108 18.00 23.34 -12.87
C ASN A 108 16.75 23.50 -13.72
N ILE A 109 15.59 23.18 -13.16
CA ILE A 109 14.35 23.17 -13.92
C ILE A 109 13.20 23.64 -13.04
N SER A 110 12.26 24.37 -13.65
CA SER A 110 10.98 24.74 -13.06
C SER A 110 9.95 23.65 -13.34
N ARG A 111 8.70 23.85 -12.91
CA ARG A 111 7.66 22.96 -13.36
C ARG A 111 7.59 22.73 -14.87
N GLU A 112 7.82 23.80 -15.64
CA GLU A 112 7.55 23.77 -17.08
C GLU A 112 8.51 22.86 -17.83
N MET A 113 9.75 22.75 -17.38
CA MET A 113 10.77 21.97 -18.08
C MET A 113 10.60 20.48 -17.80
N LEU A 114 9.51 19.94 -18.34
CA LEU A 114 9.28 18.50 -18.32
C LEU A 114 10.37 17.72 -19.06
N GLN A 115 11.18 18.40 -19.89
CA GLN A 115 12.25 17.73 -20.62
C GLN A 115 13.18 16.91 -19.73
N GLN A 116 13.46 17.37 -18.50
CA GLN A 116 14.23 16.50 -17.62
C GLN A 116 13.45 15.24 -17.31
N SER A 117 12.14 15.36 -17.10
CA SER A 117 11.36 14.19 -16.74
C SER A 117 11.17 13.25 -17.91
N LYS A 118 11.40 13.73 -19.14
CA LYS A 118 11.44 12.82 -20.29
C LYS A 118 12.78 12.09 -20.36
N ILE A 119 13.87 12.83 -20.21
CA ILE A 119 15.20 12.23 -20.20
C ILE A 119 15.31 11.16 -19.12
N LEU A 120 14.71 11.42 -17.96
CA LEU A 120 14.76 10.45 -16.87
C LEU A 120 13.89 9.23 -17.17
N LYS A 121 12.70 9.45 -17.73
CA LYS A 121 11.82 8.33 -18.06
C LYS A 121 12.48 7.39 -19.05
N VAL A 122 13.27 7.93 -19.98
CA VAL A 122 13.95 7.08 -20.96
C VAL A 122 15.11 6.35 -20.30
N ILE A 123 15.84 7.04 -19.43
CA ILE A 123 16.89 6.39 -18.65
C ILE A 123 16.27 5.34 -17.72
N ARG A 124 15.11 5.68 -17.12
CA ARG A 124 14.36 4.73 -16.33
C ARG A 124 14.11 3.43 -17.10
N LYS A 125 13.43 3.53 -18.25
CA LYS A 125 13.16 2.33 -19.04
C LYS A 125 14.44 1.64 -19.50
N ASN A 126 15.49 2.41 -19.80
CA ASN A 126 16.73 1.77 -20.22
C ASN A 126 17.40 1.04 -19.06
N LEU A 127 17.31 1.61 -17.85
CA LEU A 127 17.89 0.93 -16.69
C LEU A 127 17.13 -0.34 -16.35
N VAL A 128 15.79 -0.28 -16.35
CA VAL A 128 15.02 -1.47 -16.03
C VAL A 128 15.20 -2.52 -17.11
N LYS A 129 15.42 -2.09 -18.36
CA LYS A 129 15.64 -3.06 -19.44
C LYS A 129 16.96 -3.79 -19.26
N LYS A 130 18.03 -3.07 -18.95
CA LYS A 130 19.33 -3.70 -18.80
C LYS A 130 19.40 -4.57 -17.55
N CYS A 131 18.57 -4.28 -16.55
CA CYS A 131 18.50 -5.15 -15.37
C CYS A 131 17.82 -6.46 -15.71
N LEU A 132 16.62 -6.39 -16.28
CA LEU A 132 15.91 -7.61 -16.69
C LEU A 132 16.76 -8.44 -17.64
N GLU A 133 17.61 -7.77 -18.43
CA GLU A 133 18.62 -8.47 -19.21
C GLU A 133 19.57 -9.25 -18.31
N LEU A 134 20.05 -8.61 -17.24
CA LEU A 134 20.99 -9.27 -16.35
C LEU A 134 20.36 -10.46 -15.66
N PHE A 135 19.10 -10.34 -15.25
CA PHE A 135 18.43 -11.45 -14.60
C PHE A 135 18.18 -12.57 -15.60
N THR A 136 17.80 -12.21 -16.83
CA THR A 136 17.69 -13.20 -17.89
C THR A 136 19.02 -13.90 -18.12
N GLU A 137 20.13 -13.16 -18.03
CA GLU A 137 21.45 -13.77 -18.08
C GLU A 137 21.64 -14.74 -16.93
N LEU A 138 21.32 -14.30 -15.71
CA LEU A 138 21.57 -15.11 -14.53
C LEU A 138 20.77 -16.40 -14.53
N ALA A 139 19.60 -16.41 -15.18
CA ALA A 139 18.74 -17.57 -15.18
C ALA A 139 19.31 -18.75 -15.95
N GLU A 140 20.41 -18.56 -16.67
CA GLU A 140 20.94 -19.65 -17.49
C GLU A 140 21.80 -20.62 -16.70
N ASP A 141 22.48 -20.14 -15.64
CA ASP A 141 23.19 -21.03 -14.72
C ASP A 141 22.26 -21.27 -13.54
N LYS A 142 21.69 -22.47 -13.49
CA LYS A 142 20.56 -22.74 -12.60
C LYS A 142 20.95 -22.58 -11.13
N GLU A 143 22.14 -23.01 -10.74
CA GLU A 143 22.48 -23.09 -9.32
C GLU A 143 23.22 -21.88 -8.78
N ASN A 144 23.53 -20.88 -9.60
CA ASN A 144 23.94 -19.58 -9.09
C ASN A 144 22.79 -18.56 -9.08
N TYR A 145 21.88 -18.67 -10.05
CA TYR A 145 20.61 -17.96 -9.95
C TYR A 145 19.88 -18.28 -8.65
N LYS A 146 20.17 -19.44 -8.07
CA LYS A 146 19.57 -19.80 -6.78
C LYS A 146 19.99 -18.85 -5.68
N LYS A 147 21.27 -18.44 -5.65
CA LYS A 147 21.70 -17.48 -4.65
C LYS A 147 20.97 -16.15 -4.78
N PHE A 148 20.38 -15.88 -5.94
CA PHE A 148 19.73 -14.60 -6.21
C PHE A 148 18.23 -14.65 -5.91
N TYR A 149 17.50 -15.56 -6.54
CA TYR A 149 16.06 -15.69 -6.27
C TYR A 149 15.80 -16.01 -4.82
N GLU A 150 16.77 -16.60 -4.12
CA GLU A 150 16.65 -16.78 -2.68
C GLU A 150 16.45 -15.46 -1.96
N GLN A 151 17.11 -14.40 -2.43
CA GLN A 151 17.05 -13.12 -1.75
C GLN A 151 15.95 -12.20 -2.26
N PHE A 152 15.71 -12.20 -3.58
CA PHE A 152 14.86 -11.18 -4.20
C PHE A 152 13.61 -11.75 -4.85
N SER A 153 13.22 -12.98 -4.52
CA SER A 153 11.97 -13.52 -5.03
C SER A 153 10.80 -12.60 -4.72
N LYS A 154 10.72 -12.14 -3.46
CA LYS A 154 9.67 -11.21 -3.08
C LYS A 154 9.68 -9.97 -3.97
N ASN A 155 10.87 -9.51 -4.35
CA ASN A 155 10.98 -8.33 -5.21
C ASN A 155 10.40 -8.61 -6.59
N ILE A 156 10.72 -9.77 -7.17
CA ILE A 156 10.23 -10.09 -8.51
C ILE A 156 8.70 -10.11 -8.53
N LYS A 157 8.09 -10.76 -7.53
CA LYS A 157 6.64 -10.86 -7.49
C LYS A 157 5.98 -9.49 -7.38
N LEU A 158 6.62 -8.56 -6.67
CA LEU A 158 6.09 -7.19 -6.58
C LEU A 158 6.02 -6.54 -7.96
N GLY A 159 7.06 -6.72 -8.78
CA GLY A 159 7.03 -6.17 -10.13
C GLY A 159 5.88 -6.70 -10.95
N ILE A 160 5.55 -7.99 -10.77
CA ILE A 160 4.40 -8.58 -11.46
C ILE A 160 3.14 -7.77 -11.20
N HIS A 161 2.97 -7.30 -9.96
CA HIS A 161 1.77 -6.55 -9.61
C HIS A 161 1.80 -5.14 -10.19
N GLU A 162 2.96 -4.48 -10.15
CA GLU A 162 3.03 -3.07 -10.51
C GLU A 162 3.27 -2.88 -12.01
N ASP A 163 4.38 -3.39 -12.52
CA ASP A 163 4.77 -3.13 -13.91
C ASP A 163 4.00 -4.06 -14.83
N SER A 164 2.85 -3.59 -15.32
CA SER A 164 2.08 -4.39 -16.27
C SER A 164 2.77 -4.48 -17.61
N GLN A 165 3.61 -3.50 -17.94
CA GLN A 165 4.27 -3.49 -19.25
C GLN A 165 5.33 -4.57 -19.38
N ASN A 166 5.95 -4.97 -18.27
CA ASN A 166 6.99 -6.00 -18.28
C ASN A 166 6.52 -7.30 -17.64
N ARG A 167 5.21 -7.52 -17.52
CA ARG A 167 4.71 -8.64 -16.75
C ARG A 167 5.15 -9.99 -17.34
N LYS A 168 5.17 -10.11 -18.66
CA LYS A 168 5.55 -11.38 -19.27
C LYS A 168 7.03 -11.69 -19.01
N LYS A 169 7.92 -10.77 -19.39
CA LYS A 169 9.35 -10.96 -19.14
C LYS A 169 9.64 -11.25 -17.67
N LEU A 170 8.86 -10.68 -16.76
CA LEU A 170 9.07 -10.93 -15.35
C LEU A 170 8.63 -12.34 -14.96
N SER A 171 7.47 -12.78 -15.48
CA SER A 171 6.94 -14.08 -15.09
C SER A 171 7.86 -15.22 -15.49
N GLU A 172 8.61 -15.07 -16.59
CA GLU A 172 9.58 -16.09 -16.96
C GLU A 172 10.65 -16.28 -15.89
N LEU A 173 10.79 -15.35 -14.95
CA LEU A 173 11.80 -15.42 -13.91
C LEU A 173 11.31 -16.01 -12.60
N LEU A 174 10.02 -16.36 -12.50
CA LEU A 174 9.48 -16.94 -11.29
C LEU A 174 9.90 -18.41 -11.15
N ARG A 175 10.08 -18.85 -9.91
CA ARG A 175 10.37 -20.24 -9.59
C ARG A 175 9.52 -20.65 -8.41
N TYR A 176 9.04 -21.90 -8.41
CA TYR A 176 8.13 -22.39 -7.39
C TYR A 176 8.43 -23.84 -7.08
N TYR A 177 7.89 -24.30 -5.95
CA TYR A 177 7.82 -25.72 -5.64
C TYR A 177 6.56 -26.31 -6.27
N THR A 178 6.70 -27.50 -6.86
CA THR A 178 5.57 -28.21 -7.41
C THR A 178 5.55 -29.62 -6.84
N SER A 179 4.54 -30.40 -7.25
CA SER A 179 4.45 -31.79 -6.82
C SER A 179 5.53 -32.64 -7.49
N ALA A 180 5.84 -32.36 -8.76
CA ALA A 180 6.83 -33.15 -9.47
C ALA A 180 8.25 -32.81 -9.00
N SER A 181 8.55 -31.52 -8.86
CA SER A 181 9.86 -31.10 -8.35
C SER A 181 9.85 -31.28 -6.83
N GLY A 182 10.01 -32.54 -6.42
CA GLY A 182 9.89 -32.89 -5.01
C GLY A 182 10.65 -31.97 -4.07
N ASP A 183 11.86 -31.56 -4.47
CA ASP A 183 12.72 -30.76 -3.60
C ASP A 183 13.35 -29.57 -4.33
N GLU A 184 13.03 -29.37 -5.62
CA GLU A 184 13.64 -28.36 -6.46
C GLU A 184 12.60 -27.31 -6.85
N MET A 185 13.09 -26.14 -7.26
CA MET A 185 12.26 -25.08 -7.83
C MET A 185 12.39 -25.08 -9.34
N VAL A 186 11.27 -24.85 -10.03
CA VAL A 186 11.22 -24.96 -11.48
C VAL A 186 10.56 -23.73 -12.07
N SER A 187 10.93 -23.40 -13.31
CA SER A 187 10.40 -22.26 -14.01
C SER A 187 8.99 -22.55 -14.53
N LEU A 188 8.32 -21.49 -14.98
CA LEU A 188 7.01 -21.68 -15.60
C LEU A 188 7.12 -22.39 -16.95
N LYS A 189 8.18 -22.11 -17.71
CA LYS A 189 8.34 -22.78 -19.00
C LYS A 189 8.53 -24.29 -18.80
N ASP A 190 9.16 -24.69 -17.69
CA ASP A 190 9.39 -26.10 -17.43
C ASP A 190 8.09 -26.82 -17.08
N TYR A 191 7.27 -26.22 -16.21
CA TYR A 191 5.97 -26.81 -15.88
C TYR A 191 5.13 -27.02 -17.13
N CYS A 192 5.27 -26.14 -18.13
CA CYS A 192 4.52 -26.28 -19.37
C CYS A 192 5.03 -27.43 -20.23
N THR A 193 6.34 -27.66 -20.23
CA THR A 193 6.88 -28.76 -21.02
C THR A 193 6.44 -30.12 -20.49
N ARG A 194 6.02 -30.18 -19.22
CA ARG A 194 5.57 -31.41 -18.60
C ARG A 194 4.06 -31.52 -18.55
N MET A 195 3.34 -30.61 -19.22
CA MET A 195 1.89 -30.68 -19.21
C MET A 195 1.41 -31.73 -20.19
N LYS A 196 0.39 -32.48 -19.78
CA LYS A 196 -0.30 -33.35 -20.72
C LYS A 196 -1.21 -32.49 -21.61
N GLU A 197 -1.21 -32.80 -22.91
CA GLU A 197 -2.02 -32.04 -23.84
C GLU A 197 -3.50 -32.20 -23.50
N ASN A 198 -4.29 -31.19 -23.86
CA ASN A 198 -5.69 -30.98 -23.49
C ASN A 198 -5.85 -30.57 -22.04
N GLN A 199 -4.76 -30.41 -21.28
CA GLN A 199 -4.81 -29.71 -20.01
C GLN A 199 -4.72 -28.21 -20.31
N LYS A 200 -5.77 -27.47 -19.99
CA LYS A 200 -5.84 -26.05 -20.32
C LYS A 200 -5.60 -25.14 -19.13
N HIS A 201 -5.07 -25.68 -18.03
CA HIS A 201 -4.96 -24.92 -16.80
C HIS A 201 -3.65 -25.24 -16.09
N ILE A 202 -3.18 -24.28 -15.32
CA ILE A 202 -1.99 -24.43 -14.49
C ILE A 202 -2.44 -24.37 -13.03
N TYR A 203 -2.17 -25.44 -12.29
CA TYR A 203 -2.72 -25.62 -10.95
C TYR A 203 -1.75 -25.15 -9.88
N TYR A 204 -2.22 -24.26 -9.00
CA TYR A 204 -1.46 -23.78 -7.88
C TYR A 204 -2.29 -23.90 -6.61
N ILE A 205 -1.60 -24.01 -5.46
CA ILE A 205 -2.22 -24.01 -4.15
C ILE A 205 -1.49 -23.00 -3.29
N THR A 206 -2.23 -22.30 -2.43
CA THR A 206 -1.67 -21.27 -1.56
C THR A 206 -1.90 -21.67 -0.11
N GLY A 207 -0.81 -21.85 0.64
CA GLY A 207 -0.87 -22.19 2.05
C GLY A 207 0.31 -21.57 2.78
N GLU A 208 0.74 -22.16 3.89
CA GLU A 208 1.87 -21.60 4.62
C GLU A 208 3.10 -22.49 4.64
N THR A 209 2.97 -23.80 4.52
CA THR A 209 4.13 -24.67 4.39
C THR A 209 3.93 -25.62 3.22
N LYS A 210 5.04 -26.15 2.71
CA LYS A 210 4.98 -27.13 1.63
C LYS A 210 4.30 -28.42 2.08
N ASP A 211 4.64 -28.89 3.27
CA ASP A 211 4.06 -30.15 3.75
C ASP A 211 2.56 -30.04 3.96
N GLN A 212 2.07 -28.84 4.28
CA GLN A 212 0.64 -28.68 4.48
C GLN A 212 -0.10 -28.62 3.15
N VAL A 213 0.50 -28.00 2.13
CA VAL A 213 -0.16 -27.94 0.83
C VAL A 213 0.05 -29.25 0.06
N ALA A 214 1.18 -29.93 0.28
CA ALA A 214 1.44 -31.18 -0.43
C ALA A 214 0.54 -32.30 0.09
N ASN A 215 0.32 -32.37 1.39
CA ASN A 215 -0.54 -33.39 1.99
C ASN A 215 -1.93 -32.88 2.29
N SER A 216 -2.33 -31.77 1.68
CA SER A 216 -3.66 -31.23 1.92
C SER A 216 -4.72 -32.07 1.21
N ALA A 217 -5.98 -31.80 1.57
CA ALA A 217 -7.09 -32.52 0.97
C ALA A 217 -7.35 -32.06 -0.47
N PHE A 218 -7.06 -30.79 -0.77
CA PHE A 218 -7.48 -30.20 -2.03
C PHE A 218 -6.79 -30.84 -3.24
N VAL A 219 -5.61 -31.42 -3.07
CA VAL A 219 -4.83 -31.89 -4.21
C VAL A 219 -4.96 -33.38 -4.44
N GLU A 220 -5.81 -34.05 -3.66
CA GLU A 220 -5.92 -35.51 -3.72
C GLU A 220 -6.22 -36.05 -5.12
N ARG A 221 -7.40 -35.80 -5.65
CA ARG A 221 -7.71 -36.35 -6.97
C ARG A 221 -6.93 -35.67 -8.09
N LEU A 222 -6.04 -34.73 -7.77
CA LEU A 222 -5.16 -34.11 -8.76
C LEU A 222 -3.80 -34.81 -8.81
N ARG A 223 -3.30 -35.28 -7.68
CA ARG A 223 -2.05 -36.04 -7.70
C ARG A 223 -2.29 -37.48 -8.15
N LYS A 224 -3.46 -38.05 -7.84
CA LYS A 224 -3.82 -39.35 -8.38
C LYS A 224 -4.02 -39.29 -9.89
N HIS A 225 -4.46 -38.15 -10.39
CA HIS A 225 -4.69 -37.95 -11.82
C HIS A 225 -3.41 -37.64 -12.59
N GLY A 226 -2.25 -37.77 -11.96
CA GLY A 226 -1.00 -37.54 -12.65
C GLY A 226 -0.76 -36.10 -13.03
N LEU A 227 -1.25 -35.15 -12.23
CA LEU A 227 -1.13 -33.74 -12.54
C LEU A 227 -0.15 -33.07 -11.60
N GLU A 228 0.53 -32.06 -12.11
CA GLU A 228 1.51 -31.31 -11.34
C GLU A 228 0.84 -30.06 -10.78
N VAL A 229 1.11 -29.77 -9.51
CA VAL A 229 0.47 -28.65 -8.81
C VAL A 229 1.56 -27.77 -8.21
N ILE A 230 1.37 -26.46 -8.29
CA ILE A 230 2.37 -25.49 -7.87
C ILE A 230 2.09 -25.05 -6.44
N TYR A 231 3.13 -25.05 -5.61
CA TYR A 231 3.03 -24.67 -4.21
C TYR A 231 3.43 -23.21 -4.06
N MET A 232 2.45 -22.35 -3.79
CA MET A 232 2.68 -20.91 -3.57
C MET A 232 2.53 -20.64 -2.07
N ILE A 233 3.66 -20.52 -1.38
CA ILE A 233 3.68 -20.48 0.06
C ILE A 233 3.97 -19.08 0.63
N GLU A 234 4.53 -18.21 -0.13
CA GLU A 234 4.82 -16.93 0.50
C GLU A 234 3.61 -16.00 0.44
N PRO A 235 3.46 -15.14 1.44
CA PRO A 235 2.27 -14.26 1.46
C PRO A 235 2.16 -13.37 0.24
N ILE A 236 3.28 -13.05 -0.41
CA ILE A 236 3.22 -12.27 -1.65
C ILE A 236 2.34 -12.95 -2.68
N ASP A 237 2.46 -14.27 -2.80
CA ASP A 237 1.80 -15.01 -3.88
C ASP A 237 0.31 -14.70 -3.97
N GLU A 238 -0.33 -14.48 -2.83
CA GLU A 238 -1.76 -14.18 -2.82
C GLU A 238 -2.08 -12.96 -3.66
N TYR A 239 -1.21 -11.94 -3.62
CA TYR A 239 -1.38 -10.77 -4.48
C TYR A 239 -0.79 -10.98 -5.86
N CYS A 240 0.24 -11.81 -5.98
CA CYS A 240 0.91 -12.00 -7.26
C CYS A 240 -0.06 -12.54 -8.32
N VAL A 241 -0.76 -13.63 -8.00
CA VAL A 241 -1.65 -14.25 -8.99
C VAL A 241 -2.80 -13.34 -9.35
N GLN A 242 -3.14 -12.40 -8.48
CA GLN A 242 -4.24 -11.47 -8.74
C GLN A 242 -4.02 -10.65 -10.00
N GLN A 243 -2.76 -10.46 -10.41
CA GLN A 243 -2.46 -9.75 -11.64
C GLN A 243 -1.75 -10.61 -12.68
N LEU A 244 -1.29 -11.80 -12.33
CA LEU A 244 -0.69 -12.71 -13.31
C LEU A 244 -1.82 -13.60 -13.83
N LYS A 245 -2.44 -13.15 -14.92
CA LYS A 245 -3.63 -13.82 -15.44
C LYS A 245 -3.27 -15.13 -16.12
N GLU A 246 -2.32 -15.07 -17.06
CA GLU A 246 -1.97 -16.22 -17.88
C GLU A 246 -0.48 -16.21 -18.19
N PHE A 247 0.07 -17.40 -18.39
CA PHE A 247 1.45 -17.57 -18.83
C PHE A 247 1.45 -18.46 -20.06
N GLU A 248 2.06 -17.97 -21.14
CA GLU A 248 2.19 -18.72 -22.39
C GLU A 248 0.84 -19.29 -22.83
N GLY A 249 -0.23 -18.54 -22.57
CA GLY A 249 -1.56 -18.93 -23.01
C GLY A 249 -2.41 -19.59 -21.95
N LYS A 250 -1.81 -20.40 -21.08
CA LYS A 250 -2.57 -21.16 -20.09
C LYS A 250 -2.88 -20.30 -18.86
N THR A 251 -4.14 -20.32 -18.45
CA THR A 251 -4.62 -19.57 -17.29
C THR A 251 -4.34 -20.34 -16.00
N LEU A 252 -4.26 -19.60 -14.90
CA LEU A 252 -3.98 -20.15 -13.58
C LEU A 252 -5.28 -20.40 -12.82
N VAL A 253 -5.31 -21.49 -12.04
CA VAL A 253 -6.49 -21.87 -11.26
C VAL A 253 -6.04 -22.36 -9.89
N SER A 254 -6.79 -21.96 -8.85
CA SER A 254 -6.51 -22.34 -7.48
C SER A 254 -7.28 -23.60 -7.11
N VAL A 255 -6.56 -24.57 -6.51
CA VAL A 255 -7.19 -25.81 -6.04
C VAL A 255 -7.97 -25.63 -4.76
N THR A 256 -7.98 -24.43 -4.19
CA THR A 256 -8.79 -24.15 -3.00
C THR A 256 -10.14 -23.55 -3.33
N LYS A 257 -10.37 -23.18 -4.59
CA LYS A 257 -11.59 -22.51 -5.01
C LYS A 257 -12.58 -23.53 -5.58
N GLU A 258 -13.86 -23.14 -5.58
CA GLU A 258 -14.92 -24.01 -6.05
C GLU A 258 -14.81 -24.22 -7.56
N GLY A 259 -15.65 -25.12 -8.06
CA GLY A 259 -15.72 -25.38 -9.49
C GLY A 259 -14.43 -25.90 -10.10
N LEU A 260 -13.75 -26.83 -9.43
CA LEU A 260 -12.47 -27.35 -9.89
C LEU A 260 -12.66 -28.14 -11.18
N GLU A 261 -12.19 -27.57 -12.28
CA GLU A 261 -12.28 -28.22 -13.59
C GLU A 261 -11.18 -29.26 -13.76
N LEU A 262 -11.55 -30.42 -14.28
CA LEU A 262 -10.65 -31.53 -14.53
C LEU A 262 -11.05 -32.18 -15.84
N PRO A 263 -10.12 -32.86 -16.54
CA PRO A 263 -10.47 -33.48 -17.82
C PRO A 263 -11.38 -34.69 -17.63
N GLU A 264 -12.53 -34.66 -18.29
CA GLU A 264 -13.46 -35.79 -18.27
C GLU A 264 -12.94 -36.88 -19.19
N ASP A 265 -12.67 -38.06 -18.64
CA ASP A 265 -12.22 -39.20 -19.41
C ASP A 265 -13.27 -40.31 -19.33
N GLU A 266 -13.54 -40.96 -20.47
CA GLU A 266 -14.66 -41.86 -20.67
C GLU A 266 -15.90 -41.35 -19.96
N GLU A 267 -16.07 -40.03 -19.98
CA GLU A 267 -17.17 -39.33 -19.33
C GLU A 267 -17.32 -39.75 -17.87
N GLU A 268 -16.29 -39.48 -17.08
CA GLU A 268 -16.45 -39.57 -15.63
C GLU A 268 -17.49 -38.60 -15.13
N LYS A 269 -17.83 -37.58 -15.94
CA LYS A 269 -18.99 -36.74 -15.65
C LYS A 269 -20.25 -37.57 -15.52
N LYS A 270 -20.35 -38.69 -16.24
CA LYS A 270 -21.55 -39.52 -16.14
C LYS A 270 -21.60 -40.25 -14.79
N LYS A 271 -20.44 -40.66 -14.29
CA LYS A 271 -20.37 -41.21 -12.94
C LYS A 271 -20.46 -40.09 -11.90
N GLN A 272 -19.79 -38.96 -12.16
CA GLN A 272 -19.91 -37.81 -11.27
C GLN A 272 -21.32 -37.23 -11.26
N GLU A 273 -22.08 -37.39 -12.34
CA GLU A 273 -23.46 -36.93 -12.35
C GLU A 273 -24.35 -37.85 -11.52
N GLU A 274 -24.14 -39.16 -11.62
CA GLU A 274 -24.85 -40.07 -10.74
C GLU A 274 -24.56 -39.75 -9.28
N LYS A 275 -23.31 -39.45 -8.95
CA LYS A 275 -23.00 -39.00 -7.60
C LYS A 275 -23.62 -37.64 -7.31
N LYS A 276 -23.75 -36.79 -8.33
CA LYS A 276 -24.36 -35.47 -8.14
C LYS A 276 -25.79 -35.61 -7.64
N THR A 277 -26.59 -36.45 -8.30
CA THR A 277 -27.99 -36.62 -7.92
C THR A 277 -28.16 -37.59 -6.76
N LYS A 278 -27.27 -38.59 -6.63
CA LYS A 278 -27.42 -39.57 -5.55
C LYS A 278 -27.25 -38.93 -4.18
N PHE A 279 -26.24 -38.09 -4.01
CA PHE A 279 -25.96 -37.47 -2.73
C PHE A 279 -26.55 -36.08 -2.57
N GLU A 280 -27.32 -35.59 -3.55
CA GLU A 280 -27.90 -34.26 -3.42
C GLU A 280 -28.88 -34.21 -2.25
N ASN A 281 -29.50 -35.35 -1.93
CA ASN A 281 -30.29 -35.46 -0.71
C ASN A 281 -29.43 -35.12 0.50
N LEU A 282 -28.31 -35.83 0.67
CA LEU A 282 -27.38 -35.53 1.75
C LEU A 282 -26.84 -34.10 1.65
N CYS A 283 -26.69 -33.60 0.41
CA CYS A 283 -26.16 -32.26 0.22
C CYS A 283 -27.07 -31.20 0.86
N LYS A 284 -28.36 -31.23 0.53
CA LYS A 284 -29.25 -30.18 0.99
C LYS A 284 -29.58 -30.32 2.48
N ILE A 285 -29.27 -31.46 3.09
CA ILE A 285 -29.53 -31.64 4.51
C ILE A 285 -28.45 -30.96 5.35
N MET A 286 -27.18 -31.25 5.05
CA MET A 286 -26.10 -30.62 5.81
C MET A 286 -26.08 -29.11 5.59
N LYS A 287 -26.57 -28.65 4.43
CA LYS A 287 -26.70 -27.22 4.23
C LYS A 287 -27.67 -26.61 5.24
N ASP A 288 -28.67 -27.39 5.66
CA ASP A 288 -29.64 -26.94 6.65
C ASP A 288 -29.18 -27.20 8.08
N ILE A 289 -28.49 -28.32 8.32
CA ILE A 289 -27.95 -28.58 9.65
C ILE A 289 -26.94 -27.52 10.03
N LEU A 290 -26.26 -26.95 9.03
CA LEU A 290 -25.27 -25.89 9.22
C LEU A 290 -25.89 -24.51 9.08
N GLU A 291 -27.11 -24.44 8.50
CA GLU A 291 -27.79 -23.19 8.14
C GLU A 291 -26.92 -22.34 7.21
N LYS A 292 -26.50 -21.16 7.65
CA LYS A 292 -25.73 -20.24 6.82
C LYS A 292 -24.24 -20.23 7.15
N LYS A 293 -23.79 -21.07 8.07
CA LYS A 293 -22.35 -21.22 8.29
C LYS A 293 -21.64 -21.61 7.00
N VAL A 294 -22.37 -22.10 6.00
CA VAL A 294 -21.82 -22.44 4.69
C VAL A 294 -22.84 -21.96 3.67
N GLU A 295 -22.39 -21.77 2.42
CA GLU A 295 -23.24 -21.28 1.35
C GLU A 295 -23.86 -22.40 0.51
N LYS A 296 -23.07 -23.41 0.14
CA LYS A 296 -23.56 -24.53 -0.66
C LYS A 296 -22.89 -25.82 -0.19
N VAL A 297 -23.56 -26.94 -0.49
CA VAL A 297 -23.02 -28.27 -0.24
C VAL A 297 -23.06 -29.05 -1.54
N VAL A 298 -21.89 -29.42 -2.05
CA VAL A 298 -21.78 -30.09 -3.34
C VAL A 298 -20.92 -31.33 -3.19
N VAL A 299 -20.92 -32.14 -4.24
CA VAL A 299 -20.18 -33.39 -4.27
C VAL A 299 -18.76 -33.09 -4.70
N SER A 300 -17.79 -33.63 -3.95
CA SER A 300 -16.40 -33.38 -4.31
C SER A 300 -16.03 -34.13 -5.57
N ASN A 301 -15.27 -33.46 -6.43
CA ASN A 301 -14.60 -34.10 -7.56
C ASN A 301 -13.09 -34.00 -7.41
N ARG A 302 -12.63 -33.85 -6.17
CA ARG A 302 -11.22 -33.63 -5.89
C ARG A 302 -10.72 -34.39 -4.67
N LEU A 303 -11.57 -35.15 -3.99
CA LEU A 303 -11.24 -35.76 -2.71
C LEU A 303 -11.12 -37.26 -2.88
N VAL A 304 -10.01 -37.82 -2.39
CA VAL A 304 -9.83 -39.27 -2.41
C VAL A 304 -9.91 -39.83 -1.00
N THR A 305 -8.87 -39.64 -0.20
CA THR A 305 -8.84 -40.27 1.12
C THR A 305 -9.61 -39.45 2.16
N SER A 306 -9.68 -38.11 1.99
CA SER A 306 -10.42 -37.41 3.03
C SER A 306 -11.90 -37.35 2.67
N PRO A 307 -12.79 -37.43 3.68
CA PRO A 307 -14.22 -37.39 3.38
C PRO A 307 -14.72 -36.02 2.97
N CYS A 308 -14.08 -34.96 3.42
CA CYS A 308 -14.61 -33.62 3.17
C CYS A 308 -13.47 -32.61 3.16
N CYS A 309 -13.78 -31.43 2.61
CA CYS A 309 -12.87 -30.30 2.60
C CYS A 309 -13.70 -29.03 2.47
N ILE A 310 -13.10 -27.90 2.83
CA ILE A 310 -13.75 -26.60 2.74
C ILE A 310 -13.04 -25.84 1.62
N VAL A 311 -13.76 -25.58 0.53
CA VAL A 311 -13.23 -24.79 -0.55
C VAL A 311 -13.82 -23.39 -0.46
N THR A 312 -13.27 -22.47 -1.23
CA THR A 312 -13.58 -21.05 -1.10
C THR A 312 -14.26 -20.53 -2.37
N SER A 313 -14.91 -19.38 -2.21
CA SER A 313 -15.62 -18.74 -3.31
C SER A 313 -14.68 -18.39 -4.45
N THR A 314 -15.21 -18.43 -5.66
CA THR A 314 -14.40 -18.18 -6.85
C THR A 314 -13.87 -16.75 -6.85
N TYR A 315 -14.77 -15.77 -6.83
CA TYR A 315 -14.40 -14.36 -6.90
C TYR A 315 -14.35 -13.73 -5.52
N GLY A 316 -13.69 -14.43 -4.58
CA GLY A 316 -13.64 -13.98 -3.21
C GLY A 316 -12.31 -14.30 -2.55
N TRP A 317 -12.21 -13.91 -1.28
CA TRP A 317 -11.03 -14.21 -0.49
C TRP A 317 -10.87 -15.72 -0.28
N THR A 318 -9.66 -16.11 0.12
CA THR A 318 -9.33 -17.50 0.34
C THR A 318 -8.95 -17.72 1.80
N ALA A 319 -8.73 -19.00 2.14
CA ALA A 319 -8.29 -19.35 3.47
C ALA A 319 -6.97 -18.69 3.83
N ASN A 320 -6.02 -18.71 2.88
CA ASN A 320 -4.74 -18.03 3.10
C ASN A 320 -4.96 -16.54 3.31
N MET A 321 -5.71 -15.89 2.42
CA MET A 321 -5.99 -14.47 2.56
C MET A 321 -6.68 -14.18 3.89
N GLU A 322 -7.72 -14.95 4.20
CA GLU A 322 -8.46 -14.75 5.46
C GLU A 322 -7.55 -14.88 6.67
N ARG A 323 -6.50 -15.71 6.57
CA ARG A 323 -5.56 -15.83 7.67
C ARG A 323 -4.64 -14.61 7.74
N ILE A 324 -4.08 -14.20 6.60
CA ILE A 324 -3.13 -13.09 6.60
C ILE A 324 -3.82 -11.79 7.00
N MET A 325 -4.93 -11.46 6.35
CA MET A 325 -5.64 -10.22 6.65
C MET A 325 -5.99 -10.11 8.12
N LYS A 326 -6.54 -11.17 8.70
CA LYS A 326 -6.95 -11.12 10.10
C LYS A 326 -5.77 -11.25 11.05
N ALA A 327 -4.67 -11.84 10.59
CA ALA A 327 -3.42 -11.73 11.34
C ALA A 327 -2.81 -10.34 11.22
N GLN A 328 -3.20 -9.58 10.20
CA GLN A 328 -2.78 -8.18 10.09
C GLN A 328 -3.66 -7.28 10.96
N ALA A 329 -4.97 -7.56 11.02
CA ALA A 329 -5.85 -6.70 11.80
C ALA A 329 -5.60 -6.80 13.29
N LEU A 330 -4.71 -7.69 13.73
CA LEU A 330 -4.17 -7.60 15.08
C LEU A 330 -3.28 -6.38 15.21
N ARG A 331 -2.44 -6.13 14.20
CA ARG A 331 -1.47 -5.05 14.27
C ARG A 331 -2.14 -3.68 14.28
N ASP A 332 -3.13 -3.49 13.42
CA ASP A 332 -3.92 -2.25 13.38
C ASP A 332 -5.23 -2.52 14.10
N ASN A 333 -5.37 -1.97 15.30
CA ASN A 333 -6.56 -2.20 16.11
C ASN A 333 -7.81 -1.83 15.32
N SER A 334 -8.57 -2.84 14.94
CA SER A 334 -9.77 -2.64 14.14
C SER A 334 -10.65 -3.86 14.29
N THR A 335 -11.96 -3.63 14.31
CA THR A 335 -12.90 -4.70 14.03
C THR A 335 -12.49 -5.37 12.73
N MET A 336 -12.67 -6.70 12.68
CA MET A 336 -12.35 -7.44 11.46
C MET A 336 -13.13 -6.92 10.26
N GLY A 337 -14.22 -6.18 10.51
CA GLY A 337 -15.02 -5.68 9.43
C GLY A 337 -15.72 -6.82 8.71
N TYR A 338 -16.11 -6.53 7.47
CA TYR A 338 -16.83 -7.50 6.65
C TYR A 338 -15.88 -8.53 6.07
N ALA A 341 -15.25 -13.69 2.79
CA ALA A 341 -14.90 -15.10 2.65
C ALA A 341 -16.13 -15.98 2.80
N LYS A 342 -16.70 -16.41 1.67
CA LYS A 342 -17.78 -17.37 1.65
C LYS A 342 -17.24 -18.72 1.19
N LYS A 343 -17.55 -19.75 1.97
CA LYS A 343 -16.99 -21.09 1.82
C LYS A 343 -18.00 -22.06 1.23
N HIS A 344 -17.46 -23.08 0.54
CA HIS A 344 -18.22 -24.20 0.02
C HIS A 344 -17.60 -25.48 0.53
N LEU A 345 -18.45 -26.42 0.95
CA LEU A 345 -18.03 -27.69 1.53
C LEU A 345 -18.24 -28.81 0.53
N GLU A 346 -17.17 -29.48 0.14
CA GLU A 346 -17.22 -30.58 -0.82
C GLU A 346 -17.10 -31.91 -0.09
N ILE A 347 -17.96 -32.87 -0.44
CA ILE A 347 -17.98 -34.17 0.19
C ILE A 347 -17.56 -35.23 -0.83
N ASN A 348 -16.73 -36.17 -0.38
CA ASN A 348 -16.26 -37.28 -1.21
C ASN A 348 -17.35 -38.35 -1.23
N PRO A 349 -17.99 -38.59 -2.37
CA PRO A 349 -19.08 -39.59 -2.39
C PRO A 349 -18.59 -40.99 -2.09
N ASP A 350 -17.41 -41.35 -2.58
CA ASP A 350 -16.91 -42.71 -2.49
C ASP A 350 -16.26 -43.04 -1.15
N HIS A 351 -16.34 -42.16 -0.16
CA HIS A 351 -15.79 -42.47 1.16
C HIS A 351 -16.83 -43.17 2.03
N SER A 352 -16.35 -44.05 2.90
CA SER A 352 -17.26 -44.82 3.74
C SER A 352 -17.97 -43.92 4.75
N ILE A 353 -17.29 -42.92 5.29
CA ILE A 353 -17.96 -42.04 6.25
C ILE A 353 -19.06 -41.25 5.56
N ILE A 354 -18.88 -40.89 4.30
CA ILE A 354 -19.92 -40.16 3.58
C ILE A 354 -21.05 -41.11 3.18
N GLU A 355 -20.72 -42.32 2.75
CA GLU A 355 -21.75 -43.30 2.41
C GLU A 355 -22.59 -43.64 3.63
N THR A 356 -21.94 -44.04 4.72
CA THR A 356 -22.67 -44.39 5.94
C THR A 356 -23.42 -43.20 6.53
N LEU A 357 -22.90 -41.98 6.37
CA LEU A 357 -23.63 -40.81 6.84
C LEU A 357 -24.89 -40.56 6.03
N ARG A 358 -24.85 -40.87 4.72
CA ARG A 358 -26.05 -40.69 3.91
C ARG A 358 -27.18 -41.60 4.37
N GLN A 359 -26.85 -42.78 4.91
CA GLN A 359 -27.88 -43.69 5.38
C GLN A 359 -28.52 -43.19 6.68
N LYS A 360 -27.71 -42.94 7.71
CA LYS A 360 -28.27 -42.46 8.97
C LYS A 360 -29.04 -41.16 8.80
N ALA A 361 -28.66 -40.33 7.83
CA ALA A 361 -29.33 -39.05 7.64
C ALA A 361 -30.65 -39.21 6.88
N GLU A 362 -30.63 -39.95 5.77
CA GLU A 362 -31.87 -40.17 5.03
C GLU A 362 -32.83 -41.08 5.76
N ALA A 363 -32.39 -41.73 6.84
CA ALA A 363 -33.30 -42.48 7.70
C ALA A 363 -33.94 -41.57 8.73
N ASP A 364 -33.12 -40.84 9.48
CA ASP A 364 -33.59 -39.89 10.49
C ASP A 364 -32.71 -38.65 10.48
N LYS A 365 -33.12 -37.64 9.71
CA LYS A 365 -32.33 -36.42 9.63
C LYS A 365 -32.46 -35.55 10.88
N ASN A 366 -33.31 -35.96 11.84
CA ASN A 366 -33.50 -35.27 13.10
C ASN A 366 -32.63 -35.83 14.21
N ASP A 367 -31.92 -36.92 13.96
CA ASP A 367 -31.07 -37.53 14.99
C ASP A 367 -30.02 -36.54 15.45
N LYS A 368 -30.02 -36.24 16.75
CA LYS A 368 -29.02 -35.34 17.29
C LYS A 368 -27.61 -35.89 17.14
N SER A 369 -27.46 -37.20 16.96
CA SER A 369 -26.16 -37.75 16.58
C SER A 369 -25.79 -37.39 15.15
N VAL A 370 -26.77 -37.36 14.25
CA VAL A 370 -26.51 -36.93 12.88
C VAL A 370 -26.16 -35.46 12.84
N LYS A 371 -26.94 -34.63 13.56
CA LYS A 371 -26.62 -33.22 13.68
C LYS A 371 -25.22 -33.03 14.26
N ASP A 372 -24.90 -33.80 15.31
CA ASP A 372 -23.57 -33.71 15.91
C ASP A 372 -22.47 -34.10 14.93
N LEU A 373 -22.70 -35.12 14.11
CA LEU A 373 -21.64 -35.58 13.21
C LEU A 373 -21.47 -34.60 12.05
N VAL A 374 -22.56 -34.03 11.54
CA VAL A 374 -22.46 -33.05 10.47
C VAL A 374 -21.64 -31.85 10.92
N ILE A 375 -21.91 -31.34 12.12
CA ILE A 375 -21.14 -30.21 12.64
C ILE A 375 -19.69 -30.61 12.82
N LEU A 376 -19.45 -31.80 13.39
CA LEU A 376 -18.09 -32.24 13.68
C LEU A 376 -17.25 -32.36 12.41
N LEU A 377 -17.79 -33.01 11.39
CA LEU A 377 -17.05 -33.13 10.13
C LEU A 377 -16.78 -31.76 9.52
N TYR A 378 -17.77 -30.86 9.60
CA TYR A 378 -17.56 -29.50 9.09
C TYR A 378 -16.43 -28.82 9.82
N GLU A 379 -16.36 -28.96 11.15
CA GLU A 379 -15.32 -28.28 11.92
C GLU A 379 -13.94 -28.81 11.58
N THR A 380 -13.78 -30.13 11.55
CA THR A 380 -12.48 -30.69 11.17
C THR A 380 -12.09 -30.32 9.75
N ALA A 381 -13.08 -30.15 8.88
CA ALA A 381 -12.79 -29.73 7.50
C ALA A 381 -12.24 -28.32 7.45
N LEU A 382 -12.70 -27.43 8.35
CA LEU A 382 -12.09 -26.11 8.45
C LEU A 382 -10.62 -26.22 8.82
N LEU A 383 -10.29 -27.09 9.77
CA LEU A 383 -8.89 -27.30 10.14
C LEU A 383 -8.08 -27.76 8.93
N SER A 384 -8.63 -28.69 8.14
CA SER A 384 -7.92 -29.16 6.96
C SER A 384 -7.72 -28.04 5.95
N SER A 385 -8.63 -27.08 5.91
CA SER A 385 -8.62 -26.05 4.89
C SER A 385 -7.89 -24.78 5.31
N GLY A 386 -7.33 -24.74 6.53
CA GLY A 386 -6.52 -23.62 6.95
C GLY A 386 -7.27 -22.47 7.59
N PHE A 387 -8.45 -22.71 8.14
CA PHE A 387 -9.25 -21.69 8.77
C PHE A 387 -9.09 -21.72 10.29
N SER A 388 -9.71 -20.75 10.94
CA SER A 388 -9.80 -20.70 12.40
C SER A 388 -11.22 -21.00 12.82
N LEU A 389 -11.38 -21.57 14.01
CA LEU A 389 -12.68 -22.00 14.49
C LEU A 389 -13.41 -20.86 15.16
N GLU A 390 -14.74 -20.92 15.12
CA GLU A 390 -15.56 -19.95 15.84
C GLU A 390 -15.32 -20.04 17.34
N ASP A 391 -15.60 -21.21 17.92
CA ASP A 391 -15.38 -21.46 19.33
C ASP A 391 -14.63 -22.78 19.45
N PRO A 392 -13.36 -22.76 19.83
CA PRO A 392 -12.57 -24.01 19.85
C PRO A 392 -13.09 -25.04 20.84
N GLN A 393 -13.53 -24.60 22.02
CA GLN A 393 -14.03 -25.53 23.03
C GLN A 393 -15.30 -26.21 22.56
N THR A 394 -16.04 -25.56 21.66
CA THR A 394 -17.23 -26.19 21.08
C THR A 394 -16.84 -27.41 20.27
N HIS A 395 -15.87 -27.25 19.36
CA HIS A 395 -15.34 -28.40 18.64
C HIS A 395 -14.73 -29.42 19.59
N ALA A 396 -14.03 -28.96 20.62
CA ALA A 396 -13.39 -29.88 21.57
C ALA A 396 -14.43 -30.74 22.26
N ASN A 397 -15.49 -30.13 22.78
CA ASN A 397 -16.54 -30.92 23.39
C ASN A 397 -17.21 -31.84 22.38
N ARG A 398 -17.28 -31.40 21.11
CA ARG A 398 -17.88 -32.23 20.07
C ARG A 398 -17.02 -33.46 19.79
N ILE A 399 -15.69 -33.29 19.75
CA ILE A 399 -14.82 -34.44 19.55
C ILE A 399 -14.91 -35.38 20.74
N TYR A 400 -15.01 -34.83 21.96
CA TYR A 400 -15.16 -35.66 23.15
C TYR A 400 -16.44 -36.50 23.08
N ARG A 401 -17.52 -35.92 22.55
CA ARG A 401 -18.74 -36.71 22.36
C ARG A 401 -18.56 -37.81 21.33
N MET A 402 -17.83 -37.52 20.25
CA MET A 402 -17.60 -38.54 19.24
C MET A 402 -16.69 -39.64 19.79
N ILE A 403 -15.79 -39.30 20.69
CA ILE A 403 -14.99 -40.32 21.36
C ILE A 403 -15.87 -41.15 22.28
N LYS A 404 -16.80 -40.50 22.98
CA LYS A 404 -17.77 -41.24 23.79
C LYS A 404 -18.52 -42.27 22.95
N LEU A 405 -18.77 -41.97 21.68
CA LEU A 405 -19.44 -42.92 20.81
C LEU A 405 -18.50 -44.02 20.34
N GLY A 406 -17.25 -43.66 20.02
CA GLY A 406 -16.28 -44.66 19.61
C GLY A 406 -16.11 -45.82 20.56
N LEU A 407 -16.02 -45.50 21.84
CA LEU A 407 -15.91 -46.52 22.87
C LEU A 407 -17.18 -46.47 23.72
N GLY A 408 -17.15 -47.01 24.92
CA GLY A 408 -18.33 -47.05 25.77
C GLY A 408 -19.03 -45.74 26.04
N ILE A 409 -20.27 -45.61 25.54
CA ILE A 409 -21.03 -44.38 25.71
C ILE A 409 -21.49 -44.23 27.15
N ASP A 410 -21.72 -45.35 27.84
CA ASP A 410 -22.20 -45.40 29.23
C ASP A 410 -23.68 -45.06 29.32
N THR B 4 -5.30 39.97 28.63
CA THR B 4 -4.20 40.81 29.10
C THR B 4 -3.22 39.98 29.92
N LYS B 5 -3.68 38.80 30.33
CA LYS B 5 -2.94 37.84 31.14
C LYS B 5 -3.04 36.47 30.46
N PRO B 6 -1.96 35.69 30.43
CA PRO B 6 -2.02 34.39 29.76
C PRO B 6 -2.92 33.44 30.53
N ILE B 7 -3.46 32.46 29.79
CA ILE B 7 -4.61 31.72 30.32
C ILE B 7 -4.22 30.78 31.46
N TRP B 8 -3.02 30.20 31.42
CA TRP B 8 -2.66 29.26 32.48
C TRP B 8 -2.23 29.95 33.77
N THR B 9 -1.71 31.17 33.68
CA THR B 9 -1.34 31.89 34.91
C THR B 9 -2.56 32.40 35.66
N ARG B 10 -3.71 32.49 35.00
CA ARG B 10 -4.92 32.90 35.67
C ARG B 10 -5.39 31.79 36.62
N ASN B 11 -5.88 32.19 37.78
CA ASN B 11 -6.21 31.26 38.85
C ASN B 11 -7.33 30.31 38.40
N PRO B 12 -7.16 29.00 38.57
CA PRO B 12 -8.25 28.08 38.22
C PRO B 12 -9.43 28.30 39.16
N ASP B 13 -10.61 27.88 38.68
CA ASP B 13 -11.98 28.04 39.15
C ASP B 13 -12.52 29.43 38.81
N ASP B 14 -11.69 30.30 38.25
CA ASP B 14 -12.13 31.49 37.54
C ASP B 14 -12.13 31.24 36.05
N ILE B 15 -12.13 29.96 35.67
CA ILE B 15 -12.02 29.55 34.28
C ILE B 15 -13.25 28.71 33.95
N THR B 16 -14.07 29.21 33.03
CA THR B 16 -15.19 28.42 32.54
C THR B 16 -14.70 27.25 31.71
N ASN B 17 -15.43 26.13 31.79
CA ASN B 17 -15.05 24.97 30.99
C ASN B 17 -15.08 25.28 29.50
N GLU B 18 -15.85 26.29 29.08
CA GLU B 18 -15.78 26.70 27.69
C GLU B 18 -14.48 27.43 27.39
N GLU B 19 -13.95 28.19 28.36
CA GLU B 19 -12.66 28.82 28.15
C GLU B 19 -11.56 27.77 28.03
N TYR B 20 -11.56 26.80 28.95
CA TYR B 20 -10.67 25.64 28.84
C TYR B 20 -10.80 24.97 27.48
N GLY B 21 -12.03 24.64 27.07
CA GLY B 21 -12.24 23.99 25.79
C GLY B 21 -11.75 24.81 24.62
N GLU B 22 -12.14 26.09 24.59
CA GLU B 22 -11.69 26.98 23.52
C GLU B 22 -10.18 27.06 23.45
N PHE B 23 -9.51 27.02 24.62
CA PHE B 23 -8.05 27.04 24.62
C PHE B 23 -7.48 25.73 24.10
N TYR B 24 -7.98 24.60 24.61
CA TYR B 24 -7.49 23.30 24.14
C TYR B 24 -7.70 23.16 22.65
N LYS B 25 -8.80 23.70 22.13
CA LYS B 25 -8.99 23.75 20.68
C LYS B 25 -7.87 24.54 20.02
N SER B 26 -7.57 25.73 20.53
CA SER B 26 -6.52 26.55 19.92
C SER B 26 -5.14 25.93 20.07
N LEU B 27 -4.98 24.98 20.97
CA LEU B 27 -3.68 24.37 21.21
C LEU B 27 -3.45 23.13 20.36
N THR B 28 -4.51 22.40 20.01
CA THR B 28 -4.38 21.15 19.32
C THR B 28 -5.21 21.06 18.05
N ASN B 29 -5.96 22.10 17.70
CA ASN B 29 -6.87 22.11 16.56
C ASN B 29 -7.89 20.97 16.64
N ASP B 30 -8.02 20.33 17.80
CA ASP B 30 -9.04 19.31 17.99
C ASP B 30 -10.40 19.96 17.79
N TRP B 31 -11.27 19.31 17.03
CA TRP B 31 -12.55 19.93 16.71
C TRP B 31 -13.55 19.86 17.86
N GLU B 32 -13.41 18.90 18.75
CA GLU B 32 -14.24 18.83 19.95
C GLU B 32 -13.40 19.21 21.16
N ASP B 33 -14.08 19.61 22.22
CA ASP B 33 -13.39 20.10 23.41
C ASP B 33 -12.61 18.99 24.09
N HIS B 34 -11.97 19.34 25.20
CA HIS B 34 -11.19 18.40 25.98
C HIS B 34 -12.10 17.39 26.68
N LEU B 35 -11.49 16.31 27.17
CA LEU B 35 -12.22 15.38 28.02
C LEU B 35 -12.11 15.74 29.49
N ALA B 36 -10.88 15.94 29.98
CA ALA B 36 -10.66 16.32 31.37
C ALA B 36 -9.47 17.25 31.45
N VAL B 37 -9.38 17.98 32.56
CA VAL B 37 -8.35 18.99 32.75
C VAL B 37 -7.83 18.92 34.18
N LYS B 38 -6.51 18.94 34.33
CA LYS B 38 -5.87 19.16 35.62
C LYS B 38 -4.96 20.38 35.51
N HIS B 39 -5.12 21.32 36.44
CA HIS B 39 -4.47 22.63 36.36
C HIS B 39 -3.94 22.97 37.74
N PHE B 40 -2.62 23.08 37.88
CA PHE B 40 -2.02 23.19 39.20
C PHE B 40 -0.75 24.04 39.14
N SER B 41 -0.36 24.57 40.31
CA SER B 41 0.84 25.37 40.51
C SER B 41 1.70 24.75 41.60
N VAL B 42 2.97 25.14 41.64
CA VAL B 42 3.94 24.59 42.58
C VAL B 42 4.88 25.68 43.07
N GLU B 43 5.11 25.72 44.38
CA GLU B 43 6.10 26.60 45.01
C GLU B 43 7.06 25.75 45.81
N GLY B 44 8.25 26.29 46.05
CA GLY B 44 9.28 25.61 46.81
C GLY B 44 10.65 26.00 46.27
N GLN B 45 11.56 25.01 46.21
CA GLN B 45 12.82 25.23 45.52
C GLN B 45 12.58 25.60 44.07
N LEU B 46 11.48 25.11 43.50
CA LEU B 46 11.07 25.40 42.13
C LEU B 46 9.67 25.99 42.11
N GLU B 47 9.48 27.02 41.30
CA GLU B 47 8.17 27.61 41.06
C GLU B 47 7.78 27.34 39.62
N PHE B 48 6.63 26.69 39.41
CA PHE B 48 6.15 26.51 38.06
C PHE B 48 4.68 26.11 38.08
N ARG B 49 3.99 26.45 37.01
CA ARG B 49 2.57 26.16 36.80
C ARG B 49 2.42 25.18 35.65
N ALA B 50 1.28 24.48 35.62
CA ALA B 50 1.05 23.50 34.58
C ALA B 50 -0.44 23.34 34.31
N LEU B 51 -0.82 23.43 33.03
CA LEU B 51 -2.18 23.21 32.58
C LEU B 51 -2.18 22.03 31.63
N LEU B 52 -2.95 20.99 31.98
CA LEU B 52 -2.90 19.70 31.28
C LEU B 52 -4.28 19.32 30.79
N PHE B 53 -4.33 18.69 29.61
CA PHE B 53 -5.57 18.28 28.97
C PHE B 53 -5.51 16.80 28.63
N VAL B 54 -6.67 16.15 28.66
CA VAL B 54 -6.82 14.78 28.19
C VAL B 54 -7.77 14.83 26.99
N PRO B 55 -7.28 14.58 25.77
CA PRO B 55 -8.15 14.69 24.59
C PRO B 55 -9.24 13.64 24.63
N ARG B 56 -10.34 13.94 23.92
CA ARG B 56 -11.48 13.03 23.97
C ARG B 56 -11.20 11.77 23.16
N ARG B 57 -10.59 11.91 22.00
CA ARG B 57 -10.26 10.78 21.15
C ARG B 57 -8.78 10.48 21.29
N ALA B 58 -8.46 9.22 21.60
CA ALA B 58 -7.08 8.81 21.77
C ALA B 58 -6.30 9.06 20.49
N PRO B 59 -5.21 9.80 20.55
CA PRO B 59 -4.49 10.13 19.32
C PRO B 59 -3.70 8.96 18.78
N PHE B 60 -3.30 9.12 17.54
CA PHE B 60 -2.30 8.29 16.91
C PHE B 60 -0.94 8.81 17.34
N ASP B 61 -0.21 8.03 18.14
CA ASP B 61 1.04 8.58 18.67
C ASP B 61 1.97 8.88 17.53
N LYS B 67 8.08 9.91 16.08
CA LYS B 67 9.10 10.23 17.06
C LYS B 67 8.91 11.66 17.59
N LYS B 68 7.71 11.96 18.06
CA LYS B 68 7.47 13.18 18.84
C LYS B 68 6.99 12.72 20.20
N LYS B 69 7.88 12.79 21.19
CA LYS B 69 7.63 12.10 22.46
C LYS B 69 6.43 12.67 23.19
N ASN B 70 6.16 13.96 23.05
CA ASN B 70 4.96 14.57 23.62
C ASN B 70 4.68 15.88 22.90
N ASN B 71 3.52 16.46 23.20
CA ASN B 71 3.12 17.76 22.66
C ASN B 71 2.89 18.80 23.76
N ILE B 72 3.57 18.68 24.89
CA ILE B 72 3.46 19.65 25.98
C ILE B 72 4.26 20.90 25.60
N LYS B 73 3.57 21.99 25.29
CA LYS B 73 4.25 23.26 25.08
C LYS B 73 4.93 23.72 26.37
N LEU B 74 6.16 24.18 26.26
CA LEU B 74 6.99 24.49 27.43
C LEU B 74 7.36 25.96 27.42
N TYR B 75 6.97 26.68 28.48
CA TYR B 75 7.27 28.10 28.64
C TYR B 75 8.14 28.30 29.87
N VAL B 76 8.99 29.35 29.82
CA VAL B 76 9.76 29.81 30.99
C VAL B 76 9.48 31.28 31.18
N ARG B 77 9.02 31.64 32.39
CA ARG B 77 8.62 33.02 32.71
C ARG B 77 7.70 33.58 31.62
N ARG B 78 6.81 32.72 31.13
CA ARG B 78 5.78 33.06 30.16
C ARG B 78 6.34 33.35 28.77
N VAL B 79 7.44 32.71 28.37
CA VAL B 79 7.91 32.77 26.99
C VAL B 79 8.06 31.36 26.45
N PHE B 80 7.62 31.15 25.21
CA PHE B 80 7.67 29.82 24.61
C PHE B 80 9.12 29.40 24.40
N ILE B 81 9.35 28.09 24.36
CA ILE B 81 10.70 27.55 24.20
C ILE B 81 10.68 26.44 23.16
N MET B 82 9.99 25.34 23.46
CA MET B 82 9.86 24.20 22.56
C MET B 82 8.63 23.40 22.95
N ASP B 83 8.14 22.59 22.01
CA ASP B 83 6.99 21.74 22.26
C ASP B 83 7.32 20.27 22.41
N ASN B 84 8.15 19.71 21.53
CA ASN B 84 8.59 18.32 21.70
C ASN B 84 9.60 18.21 22.84
N CYS B 85 9.13 18.04 24.09
CA CYS B 85 10.03 17.96 25.23
C CYS B 85 10.15 16.51 25.71
N GLU B 86 11.28 15.87 25.40
CA GLU B 86 11.41 14.42 25.51
C GLU B 86 11.27 13.92 26.94
N GLU B 87 12.12 14.42 27.85
CA GLU B 87 12.13 13.92 29.21
C GLU B 87 11.24 14.74 30.15
N LEU B 88 10.30 15.51 29.60
CA LEU B 88 9.36 16.23 30.45
C LEU B 88 8.23 15.34 30.97
N ILE B 89 7.91 14.26 30.27
CA ILE B 89 6.78 13.39 30.62
C ILE B 89 7.10 11.97 30.13
N PRO B 90 6.78 10.93 30.91
CA PRO B 90 7.04 9.56 30.45
C PRO B 90 6.25 9.23 29.20
N GLU B 91 6.78 8.29 28.41
CA GLU B 91 6.23 8.02 27.08
C GLU B 91 4.77 7.60 27.15
N TYR B 92 4.36 6.90 28.21
CA TYR B 92 2.99 6.40 28.28
C TYR B 92 1.96 7.48 28.58
N LEU B 93 2.38 8.74 28.72
CA LEU B 93 1.45 9.85 28.89
C LEU B 93 1.49 10.83 27.72
N ASN B 94 2.03 10.40 26.57
CA ASN B 94 2.21 11.31 25.44
C ASN B 94 0.90 11.92 24.95
N PHE B 95 -0.23 11.36 25.33
CA PHE B 95 -1.51 11.91 24.88
C PHE B 95 -1.85 13.21 25.56
N ILE B 96 -1.24 13.51 26.71
CA ILE B 96 -1.49 14.77 27.39
C ILE B 96 -1.07 15.92 26.48
N ARG B 97 -1.93 16.93 26.40
CA ARG B 97 -1.64 18.18 25.74
C ARG B 97 -1.69 19.30 26.77
N GLY B 98 -0.89 20.34 26.58
CA GLY B 98 -0.97 21.47 27.47
C GLY B 98 0.34 22.24 27.49
N VAL B 99 0.47 23.07 28.54
CA VAL B 99 1.61 23.96 28.70
C VAL B 99 2.17 23.80 30.11
N VAL B 100 3.44 24.18 30.26
CA VAL B 100 4.12 24.17 31.55
C VAL B 100 5.00 25.42 31.60
N ASP B 101 4.73 26.30 32.55
CA ASP B 101 5.37 27.61 32.62
C ASP B 101 6.22 27.66 33.88
N SER B 102 7.51 27.39 33.72
CA SER B 102 8.45 27.40 34.84
C SER B 102 9.06 28.78 35.03
N GLU B 103 9.44 29.08 36.27
CA GLU B 103 10.04 30.36 36.60
C GLU B 103 11.56 30.29 36.73
N ASP B 104 12.16 29.10 36.90
CA ASP B 104 13.54 29.00 37.39
C ASP B 104 14.47 28.05 36.64
N LEU B 105 13.99 27.27 35.66
CA LEU B 105 14.84 26.21 35.14
C LEU B 105 15.92 26.78 34.22
N PRO B 106 17.08 26.12 34.15
CA PRO B 106 18.15 26.60 33.26
C PRO B 106 18.08 25.96 31.87
N LEU B 107 18.16 26.80 30.84
CA LEU B 107 18.00 26.33 29.47
C LEU B 107 19.34 25.94 28.86
N ASN B 108 20.27 26.89 28.82
CA ASN B 108 21.58 26.68 28.21
C ASN B 108 22.47 25.97 29.23
N ILE B 109 23.02 24.82 28.84
CA ILE B 109 23.76 24.01 29.79
C ILE B 109 25.02 23.47 29.14
N SER B 110 26.08 23.37 29.93
CA SER B 110 27.17 22.49 29.61
C SER B 110 26.76 21.09 30.05
N ARG B 111 27.20 20.07 29.31
CA ARG B 111 26.77 18.72 29.65
C ARG B 111 27.01 18.40 31.13
N GLU B 112 27.98 19.07 31.74
CA GLU B 112 28.29 18.82 33.15
C GLU B 112 27.18 19.30 34.07
N MET B 113 26.54 20.42 33.74
CA MET B 113 25.49 20.95 34.59
C MET B 113 24.21 20.14 34.37
N LEU B 114 24.26 18.91 34.87
CA LEU B 114 23.11 18.05 34.79
C LEU B 114 22.07 18.60 35.76
N GLN B 115 22.40 19.68 36.47
CA GLN B 115 21.45 20.23 37.42
C GLN B 115 20.20 20.62 36.63
N GLN B 116 20.37 20.89 35.35
CA GLN B 116 19.22 21.11 34.47
C GLN B 116 18.30 19.91 34.49
N SER B 117 18.86 18.70 34.60
CA SER B 117 18.03 17.50 34.62
C SER B 117 17.36 17.28 35.98
N LYS B 118 17.94 17.79 37.07
CA LYS B 118 17.26 17.68 38.36
C LYS B 118 15.93 18.44 38.32
N ILE B 119 15.98 19.69 37.89
CA ILE B 119 14.76 20.50 37.79
C ILE B 119 13.73 19.83 36.90
N LEU B 120 14.19 19.20 35.81
CA LEU B 120 13.27 18.47 34.94
C LEU B 120 12.76 17.21 35.61
N LYS B 121 13.63 16.48 36.31
CA LYS B 121 13.18 15.27 37.00
C LYS B 121 12.11 15.61 38.02
N VAL B 122 12.23 16.77 38.66
CA VAL B 122 11.27 17.16 39.68
C VAL B 122 9.95 17.55 39.05
N ILE B 123 10.00 18.30 37.95
CA ILE B 123 8.78 18.65 37.22
C ILE B 123 8.16 17.40 36.61
N ARG B 124 8.99 16.52 36.05
CA ARG B 124 8.51 15.23 35.55
C ARG B 124 7.71 14.48 36.62
N LYS B 125 8.36 14.16 37.73
CA LYS B 125 7.70 13.40 38.79
C LYS B 125 6.49 14.15 39.33
N ASN B 126 6.56 15.47 39.39
CA ASN B 126 5.43 16.25 39.87
C ASN B 126 4.28 16.24 38.88
N LEU B 127 4.57 16.23 37.58
CA LEU B 127 3.49 16.20 36.59
C LEU B 127 2.76 14.87 36.61
N VAL B 128 3.50 13.75 36.70
CA VAL B 128 2.85 12.44 36.67
C VAL B 128 1.98 12.24 37.91
N LYS B 129 2.33 12.85 39.03
CA LYS B 129 1.49 12.75 40.22
C LYS B 129 0.15 13.43 40.02
N LYS B 130 0.16 14.64 39.46
CA LYS B 130 -1.10 15.37 39.28
C LYS B 130 -1.98 14.73 38.22
N CYS B 131 -1.39 13.97 37.29
CA CYS B 131 -2.20 13.22 36.34
C CYS B 131 -2.87 12.04 37.03
N LEU B 132 -2.09 11.20 37.70
CA LEU B 132 -2.67 10.09 38.45
C LEU B 132 -3.68 10.57 39.48
N GLU B 133 -3.49 11.77 40.01
CA GLU B 133 -4.53 12.41 40.82
C GLU B 133 -5.80 12.59 40.00
N LEU B 134 -5.66 13.11 38.77
CA LEU B 134 -6.83 13.34 37.92
C LEU B 134 -7.53 12.03 37.59
N PHE B 135 -6.76 10.99 37.30
CA PHE B 135 -7.36 9.71 36.94
C PHE B 135 -8.06 9.08 38.13
N THR B 136 -7.46 9.17 39.32
CA THR B 136 -8.14 8.71 40.53
C THR B 136 -9.44 9.48 40.74
N GLU B 137 -9.45 10.78 40.41
CA GLU B 137 -10.70 11.53 40.45
C GLU B 137 -11.71 10.94 39.48
N LEU B 138 -11.27 10.66 38.25
CA LEU B 138 -12.17 10.19 37.21
C LEU B 138 -12.76 8.83 37.56
N ALA B 139 -12.06 8.02 38.36
CA ALA B 139 -12.54 6.69 38.69
C ALA B 139 -13.79 6.71 39.56
N GLU B 140 -14.22 7.89 40.02
CA GLU B 140 -15.35 7.99 40.93
C GLU B 140 -16.71 8.00 40.23
N ASP B 141 -16.81 8.57 39.02
CA ASP B 141 -18.04 8.52 38.24
C ASP B 141 -17.91 7.38 37.24
N LYS B 142 -18.68 6.31 37.46
CA LYS B 142 -18.38 5.03 36.82
C LYS B 142 -18.54 5.09 35.30
N GLU B 143 -19.63 5.67 34.81
CA GLU B 143 -19.93 5.62 33.39
C GLU B 143 -19.35 6.78 32.59
N ASN B 144 -18.64 7.70 33.24
CA ASN B 144 -17.81 8.66 32.54
C ASN B 144 -16.34 8.27 32.50
N TYR B 145 -15.84 7.61 33.56
CA TYR B 145 -14.54 6.96 33.48
C TYR B 145 -14.48 5.96 32.34
N LYS B 146 -15.63 5.37 31.98
CA LYS B 146 -15.68 4.46 30.85
C LYS B 146 -15.34 5.17 29.55
N LYS B 147 -15.79 6.42 29.40
CA LYS B 147 -15.46 7.20 28.21
C LYS B 147 -13.95 7.38 28.07
N PHE B 148 -13.21 7.25 29.17
CA PHE B 148 -11.77 7.46 29.23
C PHE B 148 -11.01 6.14 29.11
N TYR B 149 -11.28 5.19 30.00
CA TYR B 149 -10.62 3.88 29.94
C TYR B 149 -10.86 3.18 28.62
N GLU B 150 -11.96 3.49 27.93
CA GLU B 150 -12.17 2.95 26.59
C GLU B 150 -11.06 3.38 25.66
N GLN B 151 -10.56 4.61 25.83
CA GLN B 151 -9.53 5.14 24.94
C GLN B 151 -8.12 4.85 25.43
N PHE B 152 -7.89 4.87 26.74
CA PHE B 152 -6.54 4.84 27.28
C PHE B 152 -6.25 3.61 28.14
N SER B 153 -7.07 2.55 28.03
CA SER B 153 -6.75 1.31 28.72
C SER B 153 -5.34 0.84 28.34
N LYS B 154 -5.02 0.90 27.04
CA LYS B 154 -3.69 0.54 26.58
C LYS B 154 -2.61 1.34 27.31
N ASN B 155 -2.85 2.63 27.53
CA ASN B 155 -1.85 3.48 28.16
C ASN B 155 -1.58 3.07 29.60
N ILE B 156 -2.64 2.81 30.37
CA ILE B 156 -2.46 2.45 31.78
C ILE B 156 -1.64 1.16 31.90
N LYS B 157 -1.98 0.16 31.09
CA LYS B 157 -1.27 -1.11 31.16
C LYS B 157 0.20 -0.95 30.77
N LEU B 158 0.49 -0.06 29.81
CA LEU B 158 1.89 0.21 29.48
C LEU B 158 2.62 0.82 30.67
N GLY B 159 1.97 1.76 31.37
CA GLY B 159 2.57 2.33 32.57
C GLY B 159 2.87 1.28 33.62
N ILE B 160 1.98 0.30 33.78
CA ILE B 160 2.23 -0.83 34.67
C ILE B 160 3.55 -1.51 34.30
N HIS B 161 3.82 -1.60 33.00
CA HIS B 161 5.03 -2.28 32.55
C HIS B 161 6.27 -1.44 32.82
N GLU B 162 6.19 -0.13 32.57
CA GLU B 162 7.38 0.72 32.65
C GLU B 162 7.58 1.32 34.04
N ASP B 163 6.62 2.10 34.51
CA ASP B 163 6.78 2.88 35.74
C ASP B 163 6.54 1.98 36.95
N SER B 164 7.62 1.40 37.46
CA SER B 164 7.50 0.54 38.64
C SER B 164 7.19 1.33 39.91
N GLN B 165 7.61 2.59 40.00
CA GLN B 165 7.39 3.36 41.21
C GLN B 165 5.92 3.71 41.38
N ASN B 166 5.18 3.86 40.29
CA ASN B 166 3.77 4.19 40.33
C ASN B 166 2.91 2.98 39.97
N ARG B 167 3.49 1.77 40.05
CA ARG B 167 2.79 0.58 39.58
C ARG B 167 1.53 0.33 40.40
N LYS B 168 1.58 0.63 41.71
CA LYS B 168 0.43 0.41 42.58
C LYS B 168 -0.72 1.34 42.23
N LYS B 169 -0.47 2.64 42.23
CA LYS B 169 -1.52 3.63 41.91
C LYS B 169 -2.15 3.35 40.55
N LEU B 170 -1.38 2.81 39.61
CA LEU B 170 -1.92 2.50 38.29
C LEU B 170 -2.86 1.30 38.32
N SER B 171 -2.50 0.24 39.05
CA SER B 171 -3.34 -0.96 39.07
C SER B 171 -4.72 -0.67 39.65
N GLU B 172 -4.81 0.29 40.56
CA GLU B 172 -6.10 0.68 41.11
C GLU B 172 -7.05 1.22 40.05
N LEU B 173 -6.51 1.62 38.89
CA LEU B 173 -7.28 2.20 37.80
C LEU B 173 -7.61 1.20 36.70
N LEU B 174 -7.16 -0.03 36.82
CA LEU B 174 -7.46 -1.05 35.82
C LEU B 174 -8.90 -1.51 35.95
N ARG B 175 -9.51 -1.83 34.81
CA ARG B 175 -10.85 -2.38 34.77
C ARG B 175 -10.87 -3.53 33.78
N TYR B 176 -11.63 -4.58 34.10
CA TYR B 176 -11.65 -5.78 33.28
C TYR B 176 -13.04 -6.39 33.27
N TYR B 177 -13.25 -7.29 32.31
CA TYR B 177 -14.38 -8.22 32.33
C TYR B 177 -14.00 -9.44 33.15
N THR B 178 -14.93 -9.92 33.96
CA THR B 178 -14.73 -11.15 34.72
C THR B 178 -15.89 -12.09 34.46
N SER B 179 -15.84 -13.25 35.14
CA SER B 179 -16.93 -14.21 35.02
C SER B 179 -18.20 -13.69 35.69
N ALA B 180 -18.05 -13.00 36.83
CA ALA B 180 -19.21 -12.48 37.54
C ALA B 180 -19.78 -11.24 36.88
N SER B 181 -18.92 -10.30 36.50
CA SER B 181 -19.36 -9.10 35.79
C SER B 181 -19.72 -9.45 34.35
N GLY B 182 -20.98 -9.82 34.11
CA GLY B 182 -21.36 -10.32 32.80
C GLY B 182 -21.10 -9.34 31.69
N ASP B 183 -21.39 -8.06 31.93
CA ASP B 183 -21.26 -7.04 30.89
C ASP B 183 -20.48 -5.80 31.32
N GLU B 184 -20.23 -5.59 32.61
CA GLU B 184 -19.58 -4.39 33.09
C GLU B 184 -18.11 -4.66 33.36
N MET B 185 -17.33 -3.59 33.40
CA MET B 185 -15.92 -3.66 33.76
C MET B 185 -15.74 -3.31 35.23
N VAL B 186 -14.87 -4.04 35.91
CA VAL B 186 -14.75 -3.97 37.37
C VAL B 186 -13.29 -3.75 37.77
N SER B 187 -13.10 -3.06 38.89
CA SER B 187 -11.79 -2.75 39.44
C SER B 187 -11.19 -3.97 40.13
N LEU B 188 -9.89 -3.85 40.45
CA LEU B 188 -9.21 -4.90 41.20
C LEU B 188 -9.64 -4.94 42.66
N LYS B 189 -9.91 -3.78 43.27
CA LYS B 189 -10.31 -3.78 44.67
C LYS B 189 -11.61 -4.55 44.89
N ASP B 190 -12.49 -4.56 43.88
CA ASP B 190 -13.74 -5.30 44.01
C ASP B 190 -13.50 -6.80 44.03
N TYR B 191 -12.65 -7.30 43.13
CA TYR B 191 -12.32 -8.72 43.09
C TYR B 191 -11.76 -9.20 44.43
N CYS B 192 -11.07 -8.33 45.16
CA CYS B 192 -10.56 -8.68 46.47
C CYS B 192 -11.69 -8.78 47.49
N THR B 193 -12.71 -7.93 47.37
CA THR B 193 -13.83 -7.98 48.30
C THR B 193 -14.64 -9.27 48.16
N ARG B 194 -14.55 -9.94 47.02
CA ARG B 194 -15.28 -11.17 46.78
C ARG B 194 -14.42 -12.42 46.94
N MET B 195 -13.20 -12.26 47.46
CA MET B 195 -12.33 -13.42 47.72
C MET B 195 -12.71 -14.06 49.04
N LYS B 196 -12.63 -15.39 49.07
CA LYS B 196 -12.75 -16.11 50.32
C LYS B 196 -11.47 -15.92 51.13
N GLU B 197 -11.61 -15.75 52.45
CA GLU B 197 -10.44 -15.51 53.29
C GLU B 197 -9.44 -16.66 53.25
N ASN B 198 -9.81 -17.80 52.69
CA ASN B 198 -8.90 -18.92 52.47
C ASN B 198 -8.25 -18.91 51.09
N GLN B 199 -8.59 -17.92 50.27
CA GLN B 199 -8.06 -17.81 48.91
C GLN B 199 -6.83 -16.89 48.92
N LYS B 200 -5.68 -17.42 48.56
CA LYS B 200 -4.43 -16.68 48.58
C LYS B 200 -3.99 -16.22 47.20
N HIS B 201 -4.84 -16.32 46.18
CA HIS B 201 -4.44 -16.06 44.81
C HIS B 201 -5.55 -15.34 44.05
N ILE B 202 -5.15 -14.60 43.03
CA ILE B 202 -6.04 -13.92 42.10
C ILE B 202 -5.90 -14.59 40.74
N TYR B 203 -7.00 -15.14 40.23
CA TYR B 203 -6.99 -15.98 39.04
C TYR B 203 -7.32 -15.15 37.81
N TYR B 204 -6.44 -15.21 36.79
CA TYR B 204 -6.69 -14.53 35.53
C TYR B 204 -6.46 -15.48 34.37
N ILE B 205 -7.09 -15.18 33.23
CA ILE B 205 -6.92 -15.92 31.98
C ILE B 205 -6.60 -14.94 30.86
N THR B 206 -5.77 -15.39 29.93
CA THR B 206 -5.34 -14.57 28.79
C THR B 206 -5.82 -15.23 27.51
N GLY B 207 -6.66 -14.51 26.75
CA GLY B 207 -7.17 -15.02 25.49
C GLY B 207 -7.37 -13.91 24.48
N GLU B 208 -8.26 -14.14 23.52
CA GLU B 208 -8.51 -13.19 22.44
C GLU B 208 -9.91 -12.61 22.43
N THR B 209 -10.93 -13.34 22.87
CA THR B 209 -12.28 -12.81 22.98
C THR B 209 -12.84 -13.17 24.35
N LYS B 210 -13.86 -12.40 24.77
CA LYS B 210 -14.53 -12.70 26.03
C LYS B 210 -15.25 -14.04 25.94
N ASP B 211 -15.87 -14.31 24.78
CA ASP B 211 -16.65 -15.54 24.61
C ASP B 211 -15.78 -16.78 24.67
N GLN B 212 -14.52 -16.70 24.23
CA GLN B 212 -13.68 -17.89 24.21
C GLN B 212 -13.07 -18.21 25.58
N VAL B 213 -12.72 -17.18 26.36
CA VAL B 213 -12.10 -17.45 27.66
C VAL B 213 -13.16 -17.80 28.69
N ALA B 214 -14.39 -17.30 28.52
CA ALA B 214 -15.44 -17.60 29.49
C ALA B 214 -15.82 -19.08 29.44
N ASN B 215 -15.85 -19.66 28.24
CA ASN B 215 -16.21 -21.06 28.06
C ASN B 215 -14.99 -21.96 27.91
N SER B 216 -13.82 -21.50 28.34
CA SER B 216 -12.60 -22.29 28.21
C SER B 216 -12.59 -23.45 29.19
N ALA B 217 -11.67 -24.40 28.92
CA ALA B 217 -11.50 -25.57 29.77
C ALA B 217 -10.78 -25.22 31.08
N PHE B 218 -9.86 -24.26 31.06
CA PHE B 218 -9.02 -23.99 32.20
C PHE B 218 -9.79 -23.51 33.42
N VAL B 219 -10.99 -22.96 33.23
CA VAL B 219 -11.75 -22.33 34.32
C VAL B 219 -12.86 -23.23 34.85
N GLU B 220 -12.93 -24.48 34.38
CA GLU B 220 -14.02 -25.39 34.74
C GLU B 220 -14.24 -25.48 36.25
N ARG B 221 -13.27 -26.05 36.96
CA ARG B 221 -13.38 -26.25 38.41
C ARG B 221 -13.25 -24.95 39.20
N LEU B 222 -13.15 -23.80 38.54
CA LEU B 222 -13.13 -22.52 39.23
C LEU B 222 -14.51 -21.87 39.31
N ARG B 223 -15.35 -22.04 38.29
CA ARG B 223 -16.72 -21.52 38.39
C ARG B 223 -17.59 -22.46 39.23
N LYS B 224 -17.32 -23.75 39.17
CA LYS B 224 -17.97 -24.70 40.07
C LYS B 224 -17.58 -24.47 41.52
N HIS B 225 -16.35 -24.06 41.77
CA HIS B 225 -15.85 -23.84 43.11
C HIS B 225 -16.24 -22.47 43.66
N GLY B 226 -17.08 -21.75 42.93
CA GLY B 226 -17.52 -20.44 43.36
C GLY B 226 -16.44 -19.38 43.30
N LEU B 227 -15.51 -19.51 42.37
CA LEU B 227 -14.38 -18.58 42.25
C LEU B 227 -14.54 -17.70 41.01
N GLU B 228 -14.07 -16.46 41.13
CA GLU B 228 -14.13 -15.47 40.06
C GLU B 228 -12.82 -15.44 39.30
N VAL B 229 -12.91 -15.35 37.98
CA VAL B 229 -11.75 -15.36 37.09
C VAL B 229 -11.81 -14.13 36.20
N ILE B 230 -10.65 -13.52 35.96
CA ILE B 230 -10.55 -12.26 35.23
C ILE B 230 -10.28 -12.56 33.76
N TYR B 231 -11.03 -11.92 32.87
CA TYR B 231 -10.91 -12.10 31.42
C TYR B 231 -10.03 -11.00 30.86
N MET B 232 -8.82 -11.38 30.44
CA MET B 232 -7.88 -10.47 29.82
C MET B 232 -7.87 -10.75 28.33
N ILE B 233 -8.59 -9.93 27.56
CA ILE B 233 -8.76 -10.19 26.13
C ILE B 233 -7.85 -9.31 25.29
N GLU B 234 -7.29 -8.30 25.85
CA GLU B 234 -6.41 -7.42 25.10
C GLU B 234 -4.99 -7.98 25.11
N PRO B 235 -4.28 -7.88 23.98
CA PRO B 235 -2.93 -8.46 23.92
C PRO B 235 -1.93 -7.81 24.87
N ILE B 236 -2.13 -6.54 25.23
CA ILE B 236 -1.24 -5.88 26.18
C ILE B 236 -1.16 -6.68 27.48
N ASP B 237 -2.29 -7.25 27.90
CA ASP B 237 -2.38 -7.95 29.17
C ASP B 237 -1.29 -9.00 29.32
N GLU B 238 -0.90 -9.64 28.21
CA GLU B 238 0.16 -10.64 28.26
C GLU B 238 1.45 -10.06 28.81
N TYR B 239 1.78 -8.83 28.45
CA TYR B 239 2.96 -8.18 29.00
C TYR B 239 2.66 -7.53 30.34
N CYS B 240 1.40 -7.11 30.54
CA CYS B 240 1.01 -6.46 31.78
C CYS B 240 1.26 -7.38 32.98
N VAL B 241 0.77 -8.62 32.91
CA VAL B 241 0.92 -9.55 34.02
C VAL B 241 2.38 -9.93 34.27
N GLN B 242 3.24 -9.86 33.25
CA GLN B 242 4.65 -10.18 33.48
C GLN B 242 5.30 -9.26 34.50
N GLN B 243 4.73 -8.07 34.72
CA GLN B 243 5.22 -7.17 35.75
C GLN B 243 4.20 -6.89 36.83
N LEU B 244 2.94 -7.30 36.66
CA LEU B 244 1.91 -7.14 37.69
C LEU B 244 1.91 -8.39 38.56
N LYS B 245 2.73 -8.38 39.61
CA LYS B 245 2.91 -9.57 40.43
C LYS B 245 1.75 -9.77 41.40
N GLU B 246 1.43 -8.76 42.20
CA GLU B 246 0.44 -8.93 43.25
C GLU B 246 -0.34 -7.64 43.44
N PHE B 247 -1.60 -7.80 43.88
CA PHE B 247 -2.45 -6.69 44.27
C PHE B 247 -3.05 -6.97 45.64
N GLU B 248 -2.91 -6.01 46.56
CA GLU B 248 -3.46 -6.11 47.91
C GLU B 248 -3.05 -7.39 48.63
N GLY B 249 -1.82 -7.84 48.36
CA GLY B 249 -1.27 -8.96 49.09
C GLY B 249 -1.41 -10.28 48.36
N LYS B 250 -2.56 -10.48 47.72
CA LYS B 250 -2.84 -11.72 47.03
C LYS B 250 -2.20 -11.70 45.65
N THR B 251 -1.43 -12.74 45.35
CA THR B 251 -0.70 -12.81 44.09
C THR B 251 -1.60 -13.29 42.96
N LEU B 252 -1.20 -12.95 41.74
CA LEU B 252 -1.93 -13.33 40.55
C LEU B 252 -1.38 -14.64 40.00
N VAL B 253 -2.28 -15.46 39.47
CA VAL B 253 -1.92 -16.73 38.88
C VAL B 253 -2.69 -16.87 37.58
N SER B 254 -2.00 -17.36 36.54
CA SER B 254 -2.60 -17.54 35.24
C SER B 254 -3.20 -18.94 35.16
N VAL B 255 -4.45 -19.03 34.71
CA VAL B 255 -5.10 -20.33 34.58
C VAL B 255 -4.61 -21.12 33.39
N THR B 256 -3.70 -20.56 32.59
CA THR B 256 -3.06 -21.30 31.53
C THR B 256 -1.70 -21.88 31.94
N LYS B 257 -1.19 -21.48 33.11
CA LYS B 257 0.11 -21.92 33.59
C LYS B 257 -0.02 -23.06 34.59
N GLU B 258 1.05 -23.84 34.71
CA GLU B 258 1.13 -24.99 35.60
C GLU B 258 1.15 -24.55 37.06
N GLY B 259 1.12 -25.54 37.95
CA GLY B 259 1.22 -25.31 39.38
C GLY B 259 0.08 -24.48 39.94
N LEU B 260 -1.15 -24.77 39.50
CA LEU B 260 -2.32 -24.02 39.94
C LEU B 260 -2.56 -24.30 41.41
N GLU B 261 -2.24 -23.32 42.26
CA GLU B 261 -2.53 -23.45 43.68
C GLU B 261 -3.98 -23.04 43.92
N LEU B 262 -4.67 -23.79 44.76
CA LEU B 262 -6.06 -23.59 45.07
C LEU B 262 -6.27 -23.69 46.57
N PRO B 263 -7.36 -23.13 47.10
CA PRO B 263 -7.60 -23.24 48.54
C PRO B 263 -7.69 -24.71 48.94
N GLU B 264 -6.81 -25.11 49.84
CA GLU B 264 -6.71 -26.51 50.24
C GLU B 264 -8.07 -27.01 50.70
N ASP B 265 -8.41 -28.22 50.29
CA ASP B 265 -9.75 -28.75 50.53
C ASP B 265 -9.87 -29.24 51.98
N GLU B 266 -11.05 -29.77 52.31
CA GLU B 266 -11.28 -30.38 53.61
C GLU B 266 -10.57 -31.73 53.66
N GLU B 267 -9.24 -31.71 53.51
CA GLU B 267 -8.42 -32.91 53.33
C GLU B 267 -8.94 -33.82 52.23
N GLU B 268 -9.83 -33.30 51.37
CA GLU B 268 -10.28 -34.04 50.20
C GLU B 268 -9.13 -34.28 49.23
N LYS B 269 -8.04 -33.52 49.34
CA LYS B 269 -6.86 -33.74 48.54
C LYS B 269 -6.38 -35.19 48.61
N LYS B 270 -6.72 -35.91 49.69
CA LYS B 270 -6.43 -37.34 49.72
C LYS B 270 -7.20 -38.08 48.63
N LYS B 271 -8.40 -37.62 48.28
CA LYS B 271 -9.08 -38.16 47.10
C LYS B 271 -8.38 -37.71 45.83
N GLN B 272 -7.96 -36.45 45.77
CA GLN B 272 -7.13 -36.00 44.66
C GLN B 272 -5.81 -36.72 44.65
N GLU B 273 -5.34 -37.16 45.82
CA GLU B 273 -4.09 -37.92 45.89
C GLU B 273 -4.30 -39.36 45.43
N GLU B 274 -5.42 -39.99 45.82
CA GLU B 274 -5.73 -41.30 45.29
C GLU B 274 -5.88 -41.27 43.77
N LYS B 275 -6.52 -40.22 43.26
CA LYS B 275 -6.58 -40.03 41.81
C LYS B 275 -5.20 -39.79 41.23
N LYS B 276 -4.31 -39.16 42.00
CA LYS B 276 -2.95 -38.89 41.53
C LYS B 276 -2.21 -40.19 41.24
N THR B 277 -2.25 -41.13 42.18
CA THR B 277 -1.51 -42.38 42.02
C THR B 277 -2.24 -43.40 41.15
N LYS B 278 -3.58 -43.40 41.16
CA LYS B 278 -4.31 -44.39 40.39
C LYS B 278 -4.06 -44.23 38.90
N PHE B 279 -4.05 -43.00 38.41
CA PHE B 279 -3.89 -42.71 36.99
C PHE B 279 -2.45 -42.43 36.61
N GLU B 280 -1.52 -42.57 37.56
CA GLU B 280 -0.11 -42.32 37.29
C GLU B 280 0.44 -43.32 36.27
N ASN B 281 -0.10 -44.54 36.25
CA ASN B 281 0.26 -45.50 35.21
C ASN B 281 -0.04 -44.91 33.83
N LEU B 282 -1.29 -44.47 33.62
CA LEU B 282 -1.66 -43.86 32.36
C LEU B 282 -0.80 -42.63 32.06
N CYS B 283 -0.38 -41.90 33.11
CA CYS B 283 0.48 -40.74 32.92
C CYS B 283 1.80 -41.15 32.26
N LYS B 284 2.43 -42.21 32.78
CA LYS B 284 3.70 -42.67 32.22
C LYS B 284 3.54 -43.15 30.78
N ILE B 285 2.36 -43.64 30.42
CA ILE B 285 2.15 -44.17 29.08
C ILE B 285 1.95 -43.05 28.07
N MET B 286 1.05 -42.10 28.38
CA MET B 286 0.83 -40.99 27.46
C MET B 286 2.07 -40.12 27.31
N LYS B 287 2.91 -40.08 28.34
CA LYS B 287 4.17 -39.35 28.24
C LYS B 287 5.08 -39.93 27.16
N ASP B 288 5.05 -41.26 27.00
CA ASP B 288 5.88 -41.90 26.00
C ASP B 288 5.21 -42.01 24.63
N ILE B 289 3.89 -42.13 24.59
CA ILE B 289 3.20 -42.17 23.30
C ILE B 289 3.43 -40.89 22.52
N LEU B 290 3.58 -39.77 23.21
CA LEU B 290 3.83 -38.48 22.59
C LEU B 290 5.31 -38.16 22.77
N GLU B 291 6.11 -38.55 21.78
CA GLU B 291 7.56 -38.40 21.86
C GLU B 291 7.94 -36.93 21.87
N LYS B 292 8.23 -36.41 23.06
CA LYS B 292 8.64 -35.02 23.27
C LYS B 292 7.66 -34.00 22.69
N LYS B 293 6.46 -34.45 22.33
CA LYS B 293 5.42 -33.50 21.96
C LYS B 293 4.93 -32.70 23.16
N VAL B 294 5.23 -33.19 24.37
CA VAL B 294 4.90 -32.53 25.63
C VAL B 294 6.10 -32.75 26.55
N GLU B 295 6.18 -31.93 27.60
CA GLU B 295 7.29 -32.06 28.55
C GLU B 295 6.97 -32.97 29.73
N LYS B 296 5.76 -32.87 30.30
CA LYS B 296 5.33 -33.76 31.38
C LYS B 296 3.85 -34.07 31.21
N VAL B 297 3.41 -35.20 31.77
CA VAL B 297 2.01 -35.59 31.81
C VAL B 297 1.62 -35.89 33.25
N VAL B 298 0.73 -35.07 33.82
CA VAL B 298 0.35 -35.15 35.22
C VAL B 298 -1.17 -35.13 35.35
N VAL B 299 -1.63 -35.37 36.58
CA VAL B 299 -3.05 -35.44 36.88
C VAL B 299 -3.59 -34.03 37.12
N SER B 300 -4.70 -33.72 36.46
CA SER B 300 -5.32 -32.40 36.60
C SER B 300 -6.04 -32.25 37.93
N ASN B 301 -5.94 -31.05 38.52
CA ASN B 301 -6.77 -30.64 39.63
C ASN B 301 -7.61 -29.42 39.27
N ARG B 302 -7.88 -29.22 37.99
CA ARG B 302 -8.58 -28.02 37.55
C ARG B 302 -9.66 -28.25 36.50
N LEU B 303 -9.89 -29.49 36.07
CA LEU B 303 -10.77 -29.78 34.95
C LEU B 303 -12.03 -30.48 35.43
N VAL B 304 -13.18 -30.00 34.96
CA VAL B 304 -14.47 -30.64 35.26
C VAL B 304 -14.97 -31.36 34.01
N THR B 305 -15.45 -30.59 33.02
CA THR B 305 -16.08 -31.22 31.86
C THR B 305 -15.05 -31.66 30.82
N SER B 306 -13.91 -30.99 30.75
CA SER B 306 -12.98 -31.46 29.72
C SER B 306 -12.08 -32.56 30.27
N PRO B 307 -11.74 -33.56 29.45
CA PRO B 307 -10.86 -34.64 29.93
C PRO B 307 -9.41 -34.24 30.05
N CYS B 308 -8.95 -33.31 29.21
CA CYS B 308 -7.54 -32.94 29.23
C CYS B 308 -7.38 -31.50 28.72
N CYS B 309 -6.23 -30.92 29.04
CA CYS B 309 -5.88 -29.58 28.61
C CYS B 309 -4.37 -29.44 28.58
N ILE B 310 -3.90 -28.39 27.89
CA ILE B 310 -2.48 -28.09 27.76
C ILE B 310 -2.19 -26.79 28.51
N VAL B 311 -1.41 -26.88 29.58
CA VAL B 311 -0.92 -25.72 30.29
C VAL B 311 0.55 -25.49 29.93
N THR B 312 1.07 -24.34 30.32
CA THR B 312 2.40 -23.92 29.94
C THR B 312 3.28 -23.78 31.18
N SER B 313 4.59 -23.81 30.96
CA SER B 313 5.52 -23.67 32.07
C SER B 313 5.35 -22.30 32.72
N THR B 314 5.63 -22.26 34.03
CA THR B 314 5.46 -21.03 34.80
C THR B 314 6.22 -19.87 34.18
N TYR B 315 7.43 -20.13 33.69
CA TYR B 315 8.29 -19.08 33.16
C TYR B 315 8.28 -19.01 31.64
N GLY B 316 7.62 -19.94 30.97
CA GLY B 316 7.63 -19.97 29.53
C GLY B 316 6.65 -19.00 28.91
N TRP B 317 6.63 -19.00 27.58
CA TRP B 317 5.68 -18.20 26.82
C TRP B 317 4.28 -18.75 27.04
N THR B 318 3.33 -17.88 27.33
CA THR B 318 1.96 -18.35 27.52
C THR B 318 1.38 -18.82 26.19
N ALA B 319 0.29 -19.59 26.28
CA ALA B 319 -0.44 -19.98 25.09
C ALA B 319 -0.80 -18.75 24.25
N ASN B 320 -1.27 -17.69 24.91
CA ASN B 320 -1.54 -16.44 24.21
C ASN B 320 -0.29 -15.89 23.55
N MET B 321 0.82 -15.86 24.30
CA MET B 321 2.07 -15.30 23.80
C MET B 321 2.53 -15.99 22.53
N GLU B 322 2.59 -17.32 22.54
CA GLU B 322 3.05 -18.05 21.36
C GLU B 322 2.19 -17.76 20.14
N ARG B 323 0.91 -17.47 20.33
CA ARG B 323 0.05 -17.16 19.20
C ARG B 323 0.36 -15.76 18.65
N ILE B 324 0.45 -14.78 19.55
CA ILE B 324 0.65 -13.40 19.11
C ILE B 324 2.02 -13.24 18.45
N MET B 325 3.08 -13.67 19.15
CA MET B 325 4.43 -13.51 18.62
C MET B 325 4.59 -14.16 17.25
N LYS B 326 4.11 -15.39 17.10
CA LYS B 326 4.23 -16.05 15.81
C LYS B 326 3.28 -15.47 14.77
N ALA B 327 2.20 -14.82 15.20
CA ALA B 327 1.37 -14.08 14.26
C ALA B 327 2.04 -12.78 13.83
N GLN B 328 2.90 -12.22 14.68
CA GLN B 328 3.69 -11.05 14.28
C GLN B 328 4.91 -11.47 13.47
N ALA B 329 5.46 -12.65 13.75
CA ALA B 329 6.68 -13.11 13.09
C ALA B 329 6.44 -13.36 11.61
N LEU B 330 5.19 -13.18 11.16
CA LEU B 330 4.91 -13.08 9.73
C LEU B 330 5.57 -11.84 9.13
N ARG B 331 5.75 -10.80 9.93
CA ARG B 331 6.45 -9.60 9.48
C ARG B 331 7.93 -9.87 9.28
N ASP B 332 8.59 -10.42 10.32
CA ASP B 332 10.02 -10.68 10.23
C ASP B 332 10.32 -11.81 9.27
N ASN B 333 9.42 -12.79 9.19
CA ASN B 333 9.62 -14.06 8.50
C ASN B 333 10.62 -14.92 9.26
N SER B 334 10.86 -14.59 10.53
CA SER B 334 11.94 -15.17 11.32
C SER B 334 11.60 -16.55 11.87
N THR B 335 10.32 -16.93 11.89
CA THR B 335 9.84 -18.23 12.37
C THR B 335 10.56 -18.74 13.62
N MET B 336 10.19 -18.16 14.77
CA MET B 336 10.74 -18.48 16.09
C MET B 336 12.27 -18.56 16.09
N LYS B 342 7.10 -24.20 26.54
CA LYS B 342 7.12 -25.49 27.24
C LYS B 342 5.70 -25.93 27.53
N LYS B 343 5.34 -27.14 27.12
CA LYS B 343 3.97 -27.63 27.24
C LYS B 343 3.86 -28.69 28.31
N HIS B 344 2.70 -28.71 28.99
CA HIS B 344 2.34 -29.76 29.93
C HIS B 344 0.94 -30.27 29.62
N LEU B 345 0.76 -31.59 29.68
CA LEU B 345 -0.52 -32.23 29.39
C LEU B 345 -1.14 -32.69 30.71
N GLU B 346 -2.27 -32.09 31.06
CA GLU B 346 -3.00 -32.42 32.29
C GLU B 346 -4.23 -33.24 31.93
N ILE B 347 -4.46 -34.34 32.66
CA ILE B 347 -5.59 -35.22 32.43
C ILE B 347 -6.51 -35.18 33.63
N ASN B 348 -7.82 -35.13 33.36
CA ASN B 348 -8.90 -35.07 34.35
C ASN B 348 -9.23 -36.46 34.88
N PRO B 349 -8.98 -36.72 36.17
CA PRO B 349 -9.21 -38.09 36.70
C PRO B 349 -10.67 -38.52 36.67
N ASP B 350 -11.61 -37.64 36.98
CA ASP B 350 -13.01 -38.04 37.11
C ASP B 350 -13.74 -38.15 35.77
N HIS B 351 -13.05 -38.03 34.66
CA HIS B 351 -13.68 -38.18 33.35
C HIS B 351 -13.63 -39.63 32.91
N SER B 352 -14.69 -40.07 32.21
CA SER B 352 -14.79 -41.48 31.83
C SER B 352 -13.74 -41.88 30.80
N ILE B 353 -13.40 -40.97 29.87
CA ILE B 353 -12.43 -41.30 28.83
C ILE B 353 -11.07 -41.58 29.45
N ILE B 354 -10.75 -40.93 30.57
CA ILE B 354 -9.48 -41.18 31.25
C ILE B 354 -9.51 -42.53 31.94
N GLU B 355 -10.63 -42.89 32.57
CA GLU B 355 -10.76 -44.21 33.18
C GLU B 355 -10.62 -45.29 32.11
N THR B 356 -11.38 -45.18 31.02
CA THR B 356 -11.35 -46.17 29.95
C THR B 356 -9.97 -46.27 29.33
N LEU B 357 -9.25 -45.16 29.22
CA LEU B 357 -7.90 -45.21 28.66
C LEU B 357 -6.94 -45.90 29.63
N ARG B 358 -7.13 -45.73 30.93
CA ARG B 358 -6.30 -46.44 31.90
C ARG B 358 -6.51 -47.93 31.80
N GLN B 359 -7.73 -48.37 31.48
CA GLN B 359 -8.01 -49.79 31.33
C GLN B 359 -7.41 -50.34 30.04
N LYS B 360 -7.73 -49.71 28.90
CA LYS B 360 -7.15 -50.17 27.64
C LYS B 360 -5.63 -50.12 27.67
N ALA B 361 -5.04 -49.21 28.44
CA ALA B 361 -3.59 -49.10 28.47
C ALA B 361 -2.98 -50.19 29.35
N GLU B 362 -3.53 -50.40 30.54
CA GLU B 362 -3.01 -51.43 31.43
C GLU B 362 -3.34 -52.85 30.96
N ALA B 363 -4.23 -53.01 29.99
CA ALA B 363 -4.49 -54.32 29.39
C ALA B 363 -3.54 -54.62 28.24
N ASP B 364 -3.50 -53.73 27.24
CA ASP B 364 -2.61 -53.86 26.08
C ASP B 364 -2.13 -52.46 25.72
N LYS B 365 -0.99 -52.07 26.29
CA LYS B 365 -0.47 -50.73 26.09
C LYS B 365 0.17 -50.49 24.73
N ASN B 366 0.21 -51.50 23.86
CA ASN B 366 0.71 -51.31 22.50
C ASN B 366 -0.40 -51.26 21.47
N ASP B 367 -1.64 -51.05 21.91
CA ASP B 367 -2.77 -50.98 21.01
C ASP B 367 -2.71 -49.70 20.19
N LYS B 368 -2.68 -49.83 18.86
CA LYS B 368 -2.69 -48.65 18.01
C LYS B 368 -3.96 -47.83 18.16
N SER B 369 -5.04 -48.43 18.67
CA SER B 369 -6.20 -47.64 19.04
C SER B 369 -5.89 -46.75 20.24
N VAL B 370 -5.06 -47.25 21.17
CA VAL B 370 -4.61 -46.43 22.28
C VAL B 370 -3.69 -45.32 21.78
N LYS B 371 -2.75 -45.67 20.88
CA LYS B 371 -1.91 -44.65 20.26
C LYS B 371 -2.77 -43.62 19.54
N ASP B 372 -3.78 -44.10 18.81
CA ASP B 372 -4.69 -43.19 18.12
C ASP B 372 -5.41 -42.27 19.09
N LEU B 373 -5.80 -42.80 20.26
CA LEU B 373 -6.54 -42.00 21.22
C LEU B 373 -5.66 -41.00 21.95
N VAL B 374 -4.45 -41.41 22.36
CA VAL B 374 -3.58 -40.48 23.08
C VAL B 374 -3.17 -39.32 22.18
N ILE B 375 -2.76 -39.61 20.95
CA ILE B 375 -2.38 -38.55 20.02
C ILE B 375 -3.59 -37.66 19.73
N LEU B 376 -4.75 -38.28 19.48
CA LEU B 376 -5.95 -37.51 19.17
C LEU B 376 -6.33 -36.59 20.33
N LEU B 377 -6.30 -37.12 21.55
CA LEU B 377 -6.62 -36.29 22.71
C LEU B 377 -5.61 -35.15 22.87
N TYR B 378 -4.33 -35.42 22.65
CA TYR B 378 -3.31 -34.39 22.74
C TYR B 378 -3.54 -33.27 21.73
N GLU B 379 -3.87 -33.62 20.49
CA GLU B 379 -4.04 -32.61 19.46
C GLU B 379 -5.25 -31.74 19.73
N THR B 380 -6.39 -32.35 20.05
CA THR B 380 -7.58 -31.56 20.37
C THR B 380 -7.37 -30.70 21.61
N ALA B 381 -6.56 -31.17 22.55
CA ALA B 381 -6.26 -30.37 23.74
C ALA B 381 -5.43 -29.13 23.39
N LEU B 382 -4.53 -29.25 22.42
CA LEU B 382 -3.81 -28.08 21.93
C LEU B 382 -4.79 -27.06 21.34
N LEU B 383 -5.74 -27.53 20.54
CA LEU B 383 -6.77 -26.65 20.02
C LEU B 383 -7.54 -25.99 21.15
N SER B 384 -7.85 -26.76 22.19
CA SER B 384 -8.55 -26.21 23.35
C SER B 384 -7.71 -25.15 24.06
N SER B 385 -6.39 -25.27 23.99
CA SER B 385 -5.47 -24.43 24.74
C SER B 385 -4.97 -23.23 23.96
N GLY B 386 -5.42 -23.05 22.71
CA GLY B 386 -5.06 -21.87 21.95
C GLY B 386 -3.79 -21.99 21.12
N PHE B 387 -3.40 -23.20 20.75
CA PHE B 387 -2.22 -23.43 19.93
C PHE B 387 -2.61 -23.64 18.46
N SER B 388 -1.59 -23.78 17.63
CA SER B 388 -1.74 -24.15 16.23
C SER B 388 -1.23 -25.58 16.04
N LEU B 389 -1.78 -26.26 15.05
CA LEU B 389 -1.48 -27.67 14.86
C LEU B 389 -0.21 -27.87 14.03
N GLU B 390 0.45 -29.00 14.26
CA GLU B 390 1.63 -29.36 13.48
C GLU B 390 1.27 -29.55 12.02
N ASP B 391 0.44 -30.53 11.73
CA ASP B 391 -0.05 -30.80 10.38
C ASP B 391 -1.55 -30.99 10.47
N PRO B 392 -2.35 -30.05 9.96
CA PRO B 392 -3.81 -30.18 10.13
C PRO B 392 -4.38 -31.41 9.46
N GLN B 393 -3.88 -31.76 8.27
CA GLN B 393 -4.42 -32.92 7.58
C GLN B 393 -4.06 -34.21 8.31
N THR B 394 -2.96 -34.22 9.04
CA THR B 394 -2.63 -35.38 9.87
C THR B 394 -3.63 -35.55 11.00
N HIS B 395 -3.89 -34.47 11.73
CA HIS B 395 -4.93 -34.50 12.75
C HIS B 395 -6.29 -34.85 12.15
N ALA B 396 -6.58 -34.33 10.95
CA ALA B 396 -7.84 -34.63 10.28
C ALA B 396 -7.96 -36.12 9.98
N ASN B 397 -6.91 -36.71 9.38
CA ASN B 397 -6.95 -38.14 9.08
C ASN B 397 -7.10 -38.96 10.36
N ARG B 398 -6.57 -38.47 11.47
CA ARG B 398 -6.74 -39.16 12.73
C ARG B 398 -8.18 -39.10 13.22
N ILE B 399 -8.84 -37.95 13.06
CA ILE B 399 -10.25 -37.84 13.43
C ILE B 399 -11.11 -38.70 12.52
N TYR B 400 -10.84 -38.66 11.22
CA TYR B 400 -11.59 -39.48 10.28
C TYR B 400 -11.43 -40.95 10.64
N ARG B 401 -10.24 -41.33 11.11
CA ARG B 401 -10.06 -42.68 11.64
C ARG B 401 -10.87 -42.90 12.90
N MET B 402 -10.93 -41.89 13.78
CA MET B 402 -11.71 -42.04 15.01
C MET B 402 -13.20 -42.05 14.72
N ILE B 403 -13.66 -41.25 13.75
CA ILE B 403 -15.06 -41.28 13.37
C ILE B 403 -15.41 -42.62 12.73
N LYS B 404 -14.51 -43.13 11.89
CA LYS B 404 -14.67 -44.45 11.32
C LYS B 404 -14.85 -45.50 12.42
N LEU B 405 -14.20 -45.28 13.57
CA LEU B 405 -14.33 -46.15 14.73
C LEU B 405 -15.65 -45.93 15.48
N GLY B 406 -16.12 -44.68 15.54
CA GLY B 406 -17.41 -44.41 16.15
C GLY B 406 -18.50 -45.29 15.59
N LEU B 407 -18.41 -45.56 14.30
CA LEU B 407 -19.32 -46.44 13.58
C LEU B 407 -18.44 -47.57 13.08
N GLY B 408 -18.98 -48.48 12.29
CA GLY B 408 -18.16 -49.58 11.79
C GLY B 408 -17.07 -49.08 10.86
N ILE B 409 -15.92 -49.75 10.90
CA ILE B 409 -14.80 -49.36 10.06
C ILE B 409 -15.18 -49.49 8.58
N THR C 4 -20.41 20.25 18.44
CA THR C 4 -19.49 19.19 18.84
C THR C 4 -19.44 18.07 17.79
N LYS C 5 -19.33 18.46 16.52
CA LYS C 5 -19.28 17.53 15.41
C LYS C 5 -18.39 18.14 14.34
N PRO C 6 -17.48 17.38 13.74
CA PRO C 6 -16.52 17.98 12.79
C PRO C 6 -17.19 18.37 11.48
N ILE C 7 -16.54 19.30 10.78
CA ILE C 7 -17.21 19.98 9.67
C ILE C 7 -17.37 19.07 8.46
N TRP C 8 -16.39 18.20 8.18
CA TRP C 8 -16.49 17.38 6.99
C TRP C 8 -17.41 16.19 7.17
N THR C 9 -17.85 15.90 8.39
CA THR C 9 -18.85 14.87 8.58
C THR C 9 -20.27 15.42 8.58
N ARG C 10 -20.42 16.75 8.63
CA ARG C 10 -21.73 17.36 8.46
C ARG C 10 -22.15 17.27 7.00
N ASN C 11 -23.43 16.99 6.79
CA ASN C 11 -23.96 16.80 5.45
C ASN C 11 -23.85 18.09 4.64
N PRO C 12 -23.26 18.07 3.45
CA PRO C 12 -23.15 19.29 2.66
C PRO C 12 -24.50 19.80 2.21
N ASP C 13 -24.51 21.06 1.81
CA ASP C 13 -25.61 21.98 1.48
C ASP C 13 -26.26 22.49 2.76
N ASP C 14 -25.86 21.98 3.93
CA ASP C 14 -26.16 22.56 5.22
C ASP C 14 -24.96 23.34 5.75
N ILE C 15 -24.02 23.67 4.87
CA ILE C 15 -22.80 24.37 5.23
C ILE C 15 -22.83 25.71 4.52
N THR C 16 -22.82 26.78 5.30
CA THR C 16 -22.70 28.11 4.72
C THR C 16 -21.32 28.28 4.09
N ASN C 17 -21.28 29.04 3.00
CA ASN C 17 -20.00 29.32 2.37
C ASN C 17 -19.07 30.02 3.35
N GLU C 18 -19.62 30.69 4.37
CA GLU C 18 -18.79 31.28 5.40
C GLU C 18 -18.20 30.21 6.32
N GLU C 19 -18.99 29.17 6.63
CA GLU C 19 -18.45 28.08 7.43
C GLU C 19 -17.38 27.30 6.67
N TYR C 20 -17.67 26.94 5.43
CA TYR C 20 -16.64 26.39 4.56
C TYR C 20 -15.43 27.32 4.49
N GLY C 21 -15.68 28.61 4.21
CA GLY C 21 -14.59 29.56 4.10
C GLY C 21 -13.79 29.71 5.39
N GLU C 22 -14.49 29.89 6.51
CA GLU C 22 -13.80 29.99 7.80
C GLU C 22 -12.96 28.75 8.05
N PHE C 23 -13.44 27.58 7.60
CA PHE C 23 -12.69 26.35 7.77
C PHE C 23 -11.45 26.35 6.91
N TYR C 24 -11.60 26.67 5.62
CA TYR C 24 -10.44 26.72 4.73
C TYR C 24 -9.44 27.75 5.19
N LYS C 25 -9.92 28.90 5.68
CA LYS C 25 -9.03 29.91 6.23
C LYS C 25 -8.22 29.37 7.41
N SER C 26 -8.89 28.74 8.37
CA SER C 26 -8.21 28.19 9.53
C SER C 26 -7.32 27.00 9.17
N LEU C 27 -7.53 26.41 7.99
CA LEU C 27 -6.76 25.25 7.58
C LEU C 27 -5.50 25.63 6.82
N THR C 28 -5.48 26.78 6.15
CA THR C 28 -4.36 27.15 5.30
C THR C 28 -3.77 28.52 5.60
N ASN C 29 -4.29 29.24 6.60
CA ASN C 29 -3.90 30.62 6.91
C ASN C 29 -4.09 31.56 5.72
N ASP C 30 -4.79 31.11 4.67
CA ASP C 30 -5.10 31.97 3.55
C ASP C 30 -5.96 33.14 4.00
N TRP C 31 -5.63 34.35 3.51
CA TRP C 31 -6.34 35.53 3.97
C TRP C 31 -7.70 35.70 3.32
N GLU C 32 -7.90 35.17 2.12
CA GLU C 32 -9.20 35.20 1.48
C GLU C 32 -9.79 33.80 1.45
N ASP C 33 -11.12 33.74 1.32
CA ASP C 33 -11.81 32.47 1.42
C ASP C 33 -11.47 31.57 0.23
N HIS C 34 -12.07 30.39 0.20
CA HIS C 34 -11.80 29.44 -0.88
C HIS C 34 -12.37 29.96 -2.18
N LEU C 35 -11.92 29.36 -3.28
CA LEU C 35 -12.49 29.68 -4.59
C LEU C 35 -13.67 28.77 -4.92
N ALA C 36 -13.48 27.45 -4.79
CA ALA C 36 -14.54 26.49 -5.04
C ALA C 36 -14.39 25.33 -4.06
N VAL C 37 -15.47 24.55 -3.91
CA VAL C 37 -15.51 23.45 -2.96
C VAL C 37 -16.20 22.26 -3.59
N LYS C 38 -15.59 21.09 -3.46
CA LYS C 38 -16.25 19.82 -3.74
C LYS C 38 -16.20 18.99 -2.47
N HIS C 39 -17.36 18.52 -2.03
CA HIS C 39 -17.50 17.86 -0.75
C HIS C 39 -18.38 16.64 -0.99
N PHE C 40 -17.83 15.45 -0.84
CA PHE C 40 -18.55 14.26 -1.26
C PHE C 40 -18.19 13.10 -0.34
N SER C 41 -19.08 12.12 -0.31
CA SER C 41 -18.89 10.91 0.46
C SER C 41 -18.99 9.72 -0.48
N VAL C 42 -18.42 8.60 -0.04
CA VAL C 42 -18.41 7.36 -0.82
C VAL C 42 -18.62 6.22 0.16
N GLU C 43 -19.57 5.35 -0.14
CA GLU C 43 -19.82 4.15 0.65
C GLU C 43 -19.81 2.93 -0.24
N GLY C 44 -19.59 1.78 0.37
CA GLY C 44 -19.53 0.53 -0.34
C GLY C 44 -18.50 -0.39 0.33
N GLN C 45 -17.73 -1.10 -0.50
CA GLN C 45 -16.58 -1.83 0.02
C GLN C 45 -15.64 -0.92 0.76
N LEU C 46 -15.57 0.35 0.37
CA LEU C 46 -14.81 1.36 1.08
C LEU C 46 -15.72 2.52 1.46
N GLU C 47 -15.58 2.97 2.70
CA GLU C 47 -16.29 4.14 3.20
C GLU C 47 -15.27 5.24 3.48
N PHE C 48 -15.46 6.39 2.86
CA PHE C 48 -14.61 7.54 3.17
C PHE C 48 -15.27 8.81 2.65
N ARG C 49 -14.98 9.90 3.34
CA ARG C 49 -15.50 11.23 3.01
C ARG C 49 -14.34 12.12 2.58
N ALA C 50 -14.66 13.16 1.85
CA ALA C 50 -13.64 14.06 1.35
C ALA C 50 -14.22 15.46 1.19
N LEU C 51 -13.55 16.45 1.78
CA LEU C 51 -13.88 17.85 1.61
C LEU C 51 -12.69 18.53 0.99
N LEU C 52 -12.89 19.12 -0.19
CA LEU C 52 -11.80 19.65 -0.99
C LEU C 52 -12.02 21.12 -1.30
N PHE C 53 -10.93 21.88 -1.28
CA PHE C 53 -10.94 23.31 -1.49
C PHE C 53 -9.99 23.66 -2.62
N VAL C 54 -10.32 24.70 -3.37
CA VAL C 54 -9.44 25.23 -4.41
C VAL C 54 -9.03 26.65 -4.05
N PRO C 55 -7.76 26.90 -3.73
CA PRO C 55 -7.37 28.26 -3.32
C PRO C 55 -7.53 29.24 -4.46
N ARG C 56 -7.73 30.51 -4.09
CA ARG C 56 -8.01 31.54 -5.09
C ARG C 56 -6.74 31.94 -5.83
N ARG C 57 -5.63 32.06 -5.12
CA ARG C 57 -4.33 32.36 -5.72
C ARG C 57 -3.54 31.07 -5.82
N ALA C 58 -3.04 30.78 -7.00
CA ALA C 58 -2.26 29.57 -7.23
C ALA C 58 -1.05 29.54 -6.30
N PRO C 59 -0.87 28.51 -5.49
CA PRO C 59 0.24 28.48 -4.54
C PRO C 59 1.57 28.37 -5.27
N PHE C 60 2.64 28.49 -4.50
CA PHE C 60 4.00 28.54 -5.04
C PHE C 60 4.65 27.19 -4.83
N ASP C 61 5.05 26.54 -5.91
CA ASP C 61 5.38 25.12 -5.85
C ASP C 61 6.87 24.85 -5.73
N LEU C 62 7.73 25.77 -6.13
CA LEU C 62 9.16 25.54 -5.95
C LEU C 62 9.54 25.74 -4.48
N PHE C 63 10.67 25.13 -4.10
CA PHE C 63 11.11 24.89 -2.72
C PHE C 63 10.35 23.74 -2.09
N GLU C 64 9.13 23.50 -2.55
CA GLU C 64 8.37 22.38 -2.00
C GLU C 64 8.62 21.10 -2.77
N ASN C 65 9.55 21.12 -3.73
CA ASN C 65 10.01 19.93 -4.45
C ASN C 65 10.41 18.82 -3.50
N ARG C 66 11.22 19.17 -2.50
CA ARG C 66 11.67 18.21 -1.50
C ARG C 66 10.55 17.71 -0.60
N LYS C 67 9.47 18.45 -0.45
CA LYS C 67 8.45 17.98 0.45
C LYS C 67 7.01 18.26 0.06
N LYS C 68 6.12 17.65 0.84
CA LYS C 68 4.67 17.79 0.65
C LYS C 68 4.20 17.78 -0.80
N LYS C 69 4.18 16.59 -1.41
CA LYS C 69 3.53 16.41 -2.71
C LYS C 69 2.10 16.95 -2.70
N ASN C 70 1.48 17.02 -1.53
CA ASN C 70 0.16 17.63 -1.39
C ASN C 70 -0.01 18.05 0.06
N ASN C 71 -1.07 18.82 0.31
CA ASN C 71 -1.43 19.26 1.67
C ASN C 71 -2.79 18.74 2.09
N ILE C 72 -3.20 17.59 1.56
CA ILE C 72 -4.48 17.01 1.96
C ILE C 72 -4.31 16.38 3.34
N LYS C 73 -4.89 17.02 4.36
CA LYS C 73 -4.90 16.42 5.69
C LYS C 73 -5.70 15.12 5.64
N LEU C 74 -5.14 14.06 6.24
CA LEU C 74 -5.71 12.72 6.11
C LEU C 74 -6.14 12.22 7.48
N TYR C 75 -7.43 11.90 7.61
CA TYR C 75 -7.98 11.36 8.84
C TYR C 75 -8.48 9.94 8.61
N VAL C 76 -8.41 9.12 9.66
CA VAL C 76 -9.01 7.79 9.68
C VAL C 76 -9.90 7.70 10.90
N ARG C 77 -11.17 7.37 10.68
CA ARG C 77 -12.19 7.36 11.73
C ARG C 77 -12.15 8.65 12.53
N ARG C 78 -11.92 9.77 11.82
CA ARG C 78 -12.01 11.12 12.36
C ARG C 78 -10.91 11.43 13.37
N VAL C 79 -9.73 10.83 13.20
CA VAL C 79 -8.53 11.22 13.94
C VAL C 79 -7.41 11.49 12.93
N PHE C 80 -6.65 12.55 13.18
CA PHE C 80 -5.59 12.97 12.27
C PHE C 80 -4.49 11.92 12.19
N ILE C 81 -3.82 11.85 11.03
CA ILE C 81 -2.69 10.95 10.83
C ILE C 81 -1.58 11.68 10.08
N MET C 82 -1.87 12.08 8.85
CA MET C 82 -0.87 12.64 7.95
C MET C 82 -1.43 13.82 7.17
N ASP C 83 -0.52 14.70 6.80
CA ASP C 83 -0.56 15.37 5.52
C ASP C 83 0.61 14.83 4.70
N ASN C 84 0.76 15.32 3.48
CA ASN C 84 1.78 14.81 2.56
C ASN C 84 1.66 13.29 2.40
N CYS C 85 0.60 12.87 1.73
CA CYS C 85 0.38 11.46 1.43
C CYS C 85 0.63 11.32 -0.07
N GLU C 86 1.78 10.75 -0.42
CA GLU C 86 2.27 10.84 -1.79
C GLU C 86 1.27 10.24 -2.76
N GLU C 87 0.76 9.06 -2.46
CA GLU C 87 -0.15 8.35 -3.34
C GLU C 87 -1.60 8.70 -3.08
N LEU C 88 -1.87 9.76 -2.33
CA LEU C 88 -3.25 10.19 -2.07
C LEU C 88 -3.85 10.96 -3.23
N ILE C 89 -3.03 11.66 -4.01
CA ILE C 89 -3.55 12.53 -5.07
C ILE C 89 -2.46 12.66 -6.13
N PRO C 90 -2.80 12.68 -7.42
CA PRO C 90 -1.76 12.89 -8.44
C PRO C 90 -1.12 14.26 -8.28
N GLU C 91 0.15 14.35 -8.68
CA GLU C 91 0.94 15.54 -8.38
C GLU C 91 0.33 16.80 -9.00
N TYR C 92 -0.32 16.67 -10.16
CA TYR C 92 -0.82 17.86 -10.85
C TYR C 92 -2.05 18.46 -10.18
N LEU C 93 -2.52 17.89 -9.06
CA LEU C 93 -3.60 18.46 -8.28
C LEU C 93 -3.14 18.93 -6.90
N ASN C 94 -1.82 19.11 -6.70
CA ASN C 94 -1.29 19.43 -5.38
C ASN C 94 -1.84 20.72 -4.81
N PHE C 95 -2.46 21.55 -5.65
CA PHE C 95 -3.01 22.82 -5.18
C PHE C 95 -4.25 22.63 -4.33
N ILE C 96 -4.92 21.49 -4.45
CA ILE C 96 -6.10 21.23 -3.62
C ILE C 96 -5.72 21.22 -2.14
N ARG C 97 -6.54 21.88 -1.33
CA ARG C 97 -6.45 21.80 0.11
C ARG C 97 -7.72 21.18 0.65
N GLY C 98 -7.59 20.47 1.75
CA GLY C 98 -8.76 19.90 2.40
C GLY C 98 -8.39 18.67 3.19
N VAL C 99 -9.44 17.90 3.50
CA VAL C 99 -9.31 16.72 4.36
C VAL C 99 -9.98 15.54 3.67
N VAL C 100 -9.57 14.35 4.07
CA VAL C 100 -10.11 13.09 3.57
C VAL C 100 -10.21 12.16 4.77
N ASP C 101 -11.42 11.72 5.07
CA ASP C 101 -11.70 10.96 6.28
C ASP C 101 -12.11 9.55 5.88
N SER C 102 -11.16 8.63 5.93
CA SER C 102 -11.43 7.24 5.61
C SER C 102 -11.82 6.51 6.88
N GLU C 103 -12.62 5.45 6.72
CA GLU C 103 -13.11 4.71 7.86
C GLU C 103 -12.33 3.43 8.14
N ASP C 104 -11.58 2.91 7.15
CA ASP C 104 -11.15 1.51 7.21
C ASP C 104 -9.70 1.20 6.84
N LEU C 105 -8.89 2.15 6.36
CA LEU C 105 -7.63 1.69 5.77
C LEU C 105 -6.60 1.32 6.84
N PRO C 106 -5.67 0.39 6.52
CA PRO C 106 -4.62 -0.01 7.47
C PRO C 106 -3.32 0.78 7.35
N LEU C 107 -2.79 1.23 8.49
CA LEU C 107 -1.61 2.10 8.50
C LEU C 107 -0.30 1.33 8.63
N ASN C 108 -0.07 0.67 9.77
CA ASN C 108 1.20 -0.01 10.02
C ASN C 108 1.14 -1.40 9.41
N ILE C 109 2.03 -1.65 8.45
CA ILE C 109 2.01 -2.84 7.61
C ILE C 109 3.44 -3.30 7.32
N SER C 110 3.59 -4.60 7.08
CA SER C 110 4.83 -5.10 6.49
C SER C 110 4.85 -4.81 5.00
N ARG C 111 5.78 -5.46 4.28
CA ARG C 111 5.94 -5.19 2.85
C ARG C 111 4.69 -5.60 2.08
N GLU C 112 3.92 -6.55 2.62
CA GLU C 112 3.01 -7.43 1.88
C GLU C 112 1.63 -6.89 1.59
N MET C 113 1.05 -6.16 2.53
CA MET C 113 -0.36 -5.80 2.44
C MET C 113 -0.50 -4.63 1.48
N LEU C 114 -0.31 -4.95 0.20
CA LEU C 114 -0.56 -4.00 -0.89
C LEU C 114 -1.98 -3.46 -0.84
N GLN C 115 -2.86 -4.06 -0.03
CA GLN C 115 -4.15 -3.45 0.23
C GLN C 115 -3.96 -2.01 0.64
N GLN C 116 -2.85 -1.71 1.33
CA GLN C 116 -2.49 -0.34 1.62
C GLN C 116 -2.29 0.44 0.32
N SER C 117 -1.74 -0.20 -0.71
CA SER C 117 -1.63 0.47 -2.00
C SER C 117 -2.96 0.44 -2.75
N LYS C 118 -3.70 -0.68 -2.68
CA LYS C 118 -4.97 -0.79 -3.38
C LYS C 118 -5.99 0.21 -2.86
N ILE C 119 -6.05 0.39 -1.55
CA ILE C 119 -7.02 1.31 -0.95
C ILE C 119 -6.69 2.75 -1.34
N LEU C 120 -5.40 3.08 -1.41
CA LEU C 120 -5.03 4.43 -1.83
C LEU C 120 -5.36 4.67 -3.30
N LYS C 121 -5.15 3.65 -4.15
CA LYS C 121 -5.42 3.84 -5.58
C LYS C 121 -6.87 4.22 -5.84
N VAL C 122 -7.81 3.60 -5.11
CA VAL C 122 -9.22 3.89 -5.36
C VAL C 122 -9.62 5.24 -4.77
N ILE C 123 -9.12 5.59 -3.58
CA ILE C 123 -9.37 6.93 -3.04
C ILE C 123 -8.77 7.98 -3.95
N ARG C 124 -7.57 7.71 -4.48
CA ARG C 124 -6.98 8.55 -5.51
C ARG C 124 -7.95 8.77 -6.66
N LYS C 125 -8.38 7.68 -7.29
CA LYS C 125 -9.27 7.77 -8.45
C LYS C 125 -10.58 8.46 -8.09
N ASN C 126 -11.10 8.24 -6.88
CA ASN C 126 -12.33 8.92 -6.49
C ASN C 126 -12.08 10.41 -6.25
N LEU C 127 -10.92 10.77 -5.73
CA LEU C 127 -10.62 12.19 -5.52
C LEU C 127 -10.44 12.91 -6.85
N VAL C 128 -9.68 12.32 -7.78
CA VAL C 128 -9.46 12.97 -9.05
C VAL C 128 -10.73 12.98 -9.88
N LYS C 129 -11.58 11.97 -9.75
CA LYS C 129 -12.84 11.97 -10.48
C LYS C 129 -13.75 13.09 -9.98
N LYS C 130 -13.85 13.25 -8.66
CA LYS C 130 -14.70 14.31 -8.12
C LYS C 130 -14.11 15.68 -8.37
N CYS C 131 -12.80 15.78 -8.60
CA CYS C 131 -12.21 17.04 -9.00
C CYS C 131 -12.58 17.40 -10.43
N LEU C 132 -12.30 16.52 -11.38
CA LEU C 132 -12.70 16.75 -12.76
C LEU C 132 -14.20 16.95 -12.89
N GLU C 133 -14.98 16.32 -12.01
CA GLU C 133 -16.39 16.66 -11.90
C GLU C 133 -16.56 18.11 -11.52
N LEU C 134 -15.82 18.57 -10.50
CA LEU C 134 -15.93 19.94 -10.04
C LEU C 134 -15.51 20.94 -11.11
N PHE C 135 -14.43 20.66 -11.83
CA PHE C 135 -13.95 21.60 -12.84
C PHE C 135 -14.90 21.66 -14.03
N THR C 136 -15.44 20.50 -14.45
CA THR C 136 -16.47 20.52 -15.47
C THR C 136 -17.68 21.32 -15.01
N GLU C 137 -18.00 21.24 -13.72
CA GLU C 137 -19.03 22.11 -13.17
C GLU C 137 -18.63 23.57 -13.29
N LEU C 138 -17.39 23.89 -12.92
CA LEU C 138 -16.94 25.28 -12.97
C LEU C 138 -16.95 25.83 -14.38
N ALA C 139 -16.78 24.97 -15.39
CA ALA C 139 -16.73 25.43 -16.77
C ALA C 139 -18.07 25.94 -17.27
N GLU C 140 -19.15 25.75 -16.49
CA GLU C 140 -20.46 26.16 -16.96
C GLU C 140 -20.73 27.64 -16.69
N ASP C 141 -20.10 28.21 -15.66
CA ASP C 141 -20.14 29.66 -15.45
C ASP C 141 -18.88 30.23 -16.08
N LYS C 142 -19.05 30.89 -17.23
CA LYS C 142 -17.90 31.22 -18.06
C LYS C 142 -17.02 32.30 -17.42
N GLU C 143 -17.60 33.26 -16.71
CA GLU C 143 -16.82 34.38 -16.21
C GLU C 143 -16.23 34.17 -14.82
N ASN C 144 -16.52 33.04 -14.17
CA ASN C 144 -15.75 32.63 -12.98
C ASN C 144 -14.73 31.55 -13.27
N TYR C 145 -15.02 30.62 -14.19
CA TYR C 145 -14.00 29.69 -14.67
C TYR C 145 -12.78 30.44 -15.22
N LYS C 146 -12.97 31.67 -15.68
CA LYS C 146 -11.84 32.51 -16.09
C LYS C 146 -10.94 32.79 -14.90
N LYS C 147 -11.52 33.04 -13.73
CA LYS C 147 -10.72 33.24 -12.52
C LYS C 147 -9.94 32.00 -12.12
N PHE C 148 -10.36 30.83 -12.58
CA PHE C 148 -9.75 29.56 -12.21
C PHE C 148 -8.69 29.13 -13.22
N TYR C 149 -9.09 29.00 -14.49
CA TYR C 149 -8.15 28.63 -15.54
C TYR C 149 -7.01 29.64 -15.64
N GLU C 150 -7.24 30.88 -15.23
CA GLU C 150 -6.16 31.86 -15.16
C GLU C 150 -5.06 31.41 -14.20
N GLN C 151 -5.43 30.76 -13.10
CA GLN C 151 -4.48 30.36 -12.08
C GLN C 151 -3.90 28.99 -12.34
N PHE C 152 -4.73 28.06 -12.84
CA PHE C 152 -4.37 26.66 -12.90
C PHE C 152 -4.34 26.12 -14.33
N SER C 153 -4.28 27.00 -15.34
CA SER C 153 -4.13 26.53 -16.71
C SER C 153 -2.93 25.60 -16.84
N LYS C 154 -1.81 25.99 -16.25
CA LYS C 154 -0.60 25.17 -16.28
C LYS C 154 -0.87 23.77 -15.75
N ASN C 155 -1.69 23.67 -14.70
CA ASN C 155 -1.96 22.36 -14.10
C ASN C 155 -2.77 21.46 -15.04
N ILE C 156 -3.81 22.01 -15.68
CA ILE C 156 -4.64 21.18 -16.56
C ILE C 156 -3.81 20.63 -17.71
N LYS C 157 -2.99 21.49 -18.33
CA LYS C 157 -2.15 21.06 -19.44
C LYS C 157 -1.16 20.00 -18.97
N LEU C 158 -0.63 20.15 -17.76
CA LEU C 158 0.23 19.11 -17.20
C LEU C 158 -0.55 17.80 -17.05
N GLY C 159 -1.79 17.87 -16.57
CA GLY C 159 -2.61 16.68 -16.51
C GLY C 159 -2.79 16.06 -17.88
N ILE C 160 -2.94 16.88 -18.92
CA ILE C 160 -2.96 16.39 -20.29
C ILE C 160 -1.71 15.58 -20.57
N HIS C 161 -0.56 16.03 -20.06
CA HIS C 161 0.68 15.33 -20.33
C HIS C 161 0.78 14.04 -19.53
N GLU C 162 0.37 14.07 -18.27
CA GLU C 162 0.58 12.91 -17.39
C GLU C 162 -0.58 11.93 -17.40
N ASP C 163 -1.77 12.38 -17.03
CA ASP C 163 -2.91 11.49 -16.81
C ASP C 163 -3.53 11.12 -18.16
N SER C 164 -3.06 10.01 -18.74
CA SER C 164 -3.64 9.54 -20.00
C SER C 164 -5.04 9.00 -19.82
N GLN C 165 -5.37 8.52 -18.63
CA GLN C 165 -6.69 7.92 -18.41
C GLN C 165 -7.78 8.98 -18.38
N ASN C 166 -7.46 10.19 -17.92
CA ASN C 166 -8.43 11.28 -17.81
C ASN C 166 -8.15 12.38 -18.84
N ARG C 167 -7.40 12.08 -19.89
CA ARG C 167 -6.94 13.10 -20.82
C ARG C 167 -8.12 13.77 -21.53
N LYS C 168 -9.16 13.00 -21.86
CA LYS C 168 -10.30 13.56 -22.58
C LYS C 168 -11.06 14.58 -21.74
N LYS C 169 -11.51 14.18 -20.56
CA LYS C 169 -12.23 15.11 -19.69
C LYS C 169 -11.41 16.35 -19.41
N LEU C 170 -10.08 16.21 -19.39
CA LEU C 170 -9.22 17.36 -19.17
C LEU C 170 -9.21 18.29 -20.37
N SER C 171 -9.13 17.73 -21.59
CA SER C 171 -9.09 18.60 -22.76
C SER C 171 -10.38 19.42 -22.88
N GLU C 172 -11.50 18.85 -22.41
CA GLU C 172 -12.75 19.62 -22.40
C GLU C 172 -12.63 20.86 -21.54
N LEU C 173 -11.63 20.92 -20.66
CA LEU C 173 -11.41 22.03 -19.75
C LEU C 173 -10.34 22.99 -20.25
N LEU C 174 -9.75 22.72 -21.40
CA LEU C 174 -8.75 23.63 -21.95
C LEU C 174 -9.42 24.85 -22.55
N ARG C 175 -8.72 25.99 -22.45
CA ARG C 175 -9.15 27.24 -23.04
C ARG C 175 -7.98 27.90 -23.74
N TYR C 176 -8.23 28.51 -24.90
CA TYR C 176 -7.17 29.09 -25.69
C TYR C 176 -7.67 30.34 -26.38
N TYR C 177 -6.72 31.15 -26.85
CA TYR C 177 -6.97 32.19 -27.83
C TYR C 177 -6.89 31.62 -29.23
N THR C 178 -7.82 32.05 -30.09
CA THR C 178 -7.81 31.67 -31.50
C THR C 178 -7.88 32.93 -32.35
N SER C 179 -7.93 32.73 -33.67
CA SER C 179 -8.05 33.86 -34.58
C SER C 179 -9.43 34.50 -34.51
N ALA C 180 -10.48 33.67 -34.36
CA ALA C 180 -11.83 34.21 -34.31
C ALA C 180 -12.12 34.86 -32.97
N SER C 181 -11.75 34.19 -31.88
CA SER C 181 -11.90 34.76 -30.54
C SER C 181 -10.83 35.84 -30.40
N GLY C 182 -11.17 37.05 -30.86
CA GLY C 182 -10.19 38.13 -30.93
C GLY C 182 -9.45 38.32 -29.62
N ASP C 183 -10.16 38.25 -28.50
CA ASP C 183 -9.51 38.48 -27.21
C ASP C 183 -10.15 37.66 -26.10
N GLU C 184 -11.09 36.78 -26.37
CA GLU C 184 -11.62 35.87 -25.38
C GLU C 184 -10.98 34.50 -25.52
N MET C 185 -11.05 33.72 -24.45
CA MET C 185 -10.60 32.34 -24.48
C MET C 185 -11.79 31.43 -24.75
N VAL C 186 -11.57 30.43 -25.59
CA VAL C 186 -12.65 29.59 -26.07
C VAL C 186 -12.27 28.13 -25.87
N SER C 187 -13.28 27.30 -25.67
CA SER C 187 -13.04 25.88 -25.47
C SER C 187 -12.72 25.22 -26.80
N LEU C 188 -12.27 23.98 -26.72
CA LEU C 188 -12.07 23.19 -27.94
C LEU C 188 -13.42 22.90 -28.60
N LYS C 189 -14.48 22.78 -27.79
CA LYS C 189 -15.81 22.58 -28.36
C LYS C 189 -16.22 23.74 -29.26
N ASP C 190 -15.76 24.96 -28.95
CA ASP C 190 -16.09 26.11 -29.78
C ASP C 190 -15.43 26.04 -31.14
N TYR C 191 -14.13 25.73 -31.16
CA TYR C 191 -13.40 25.62 -32.42
C TYR C 191 -14.03 24.60 -33.37
N CYS C 192 -14.64 23.55 -32.82
CA CYS C 192 -15.30 22.56 -33.68
C CYS C 192 -16.58 23.11 -34.29
N THR C 193 -17.31 23.94 -33.54
CA THR C 193 -18.55 24.50 -34.07
C THR C 193 -18.30 25.44 -35.23
N ARG C 194 -17.09 25.97 -35.36
CA ARG C 194 -16.73 26.89 -36.43
C ARG C 194 -15.94 26.21 -37.54
N MET C 195 -15.82 24.89 -37.50
CA MET C 195 -15.16 24.16 -38.56
C MET C 195 -16.11 23.91 -39.71
N LYS C 196 -15.59 24.02 -40.92
CA LYS C 196 -16.31 23.53 -42.09
C LYS C 196 -16.17 22.02 -42.12
N GLU C 197 -17.27 21.33 -42.44
CA GLU C 197 -17.25 19.87 -42.44
C GLU C 197 -16.26 19.27 -43.44
N ASN C 198 -15.67 20.09 -44.30
CA ASN C 198 -14.58 19.66 -45.18
C ASN C 198 -13.21 19.96 -44.58
N GLN C 199 -13.14 20.20 -43.27
CA GLN C 199 -11.90 20.49 -42.56
C GLN C 199 -11.61 19.33 -41.62
N LYS C 200 -10.48 18.66 -41.84
CA LYS C 200 -10.14 17.47 -41.06
C LYS C 200 -9.05 17.72 -40.02
N HIS C 201 -8.72 18.98 -39.72
CA HIS C 201 -7.60 19.29 -38.85
C HIS C 201 -7.92 20.48 -37.97
N ILE C 202 -7.22 20.53 -36.83
CA ILE C 202 -7.27 21.66 -35.91
C ILE C 202 -5.89 22.32 -35.96
N TYR C 203 -5.86 23.58 -36.38
CA TYR C 203 -4.61 24.25 -36.68
C TYR C 203 -4.17 25.05 -35.46
N TYR C 204 -2.95 24.83 -35.00
CA TYR C 204 -2.39 25.60 -33.90
C TYR C 204 -1.01 26.13 -34.30
N ILE C 205 -0.62 27.21 -33.64
CA ILE C 205 0.72 27.78 -33.78
C ILE C 205 1.29 27.97 -32.39
N THR C 206 2.59 27.73 -32.24
CA THR C 206 3.25 27.84 -30.95
C THR C 206 4.33 28.92 -31.04
N GLY C 207 4.18 29.96 -30.23
CA GLY C 207 5.12 31.07 -30.20
C GLY C 207 5.24 31.62 -28.80
N GLU C 208 5.58 32.91 -28.71
CA GLU C 208 5.77 33.56 -27.42
C GLU C 208 4.79 34.68 -27.11
N THR C 209 4.28 35.39 -28.11
CA THR C 209 3.24 36.38 -27.88
C THR C 209 2.11 36.17 -28.89
N LYS C 210 0.93 36.69 -28.53
CA LYS C 210 -0.22 36.58 -29.42
C LYS C 210 -0.03 37.37 -30.70
N ASP C 211 0.49 38.60 -30.59
CA ASP C 211 0.62 39.45 -31.78
C ASP C 211 1.62 38.88 -32.77
N GLN C 212 2.61 38.14 -32.29
CA GLN C 212 3.62 37.60 -33.20
C GLN C 212 3.10 36.41 -33.98
N VAL C 213 2.27 35.57 -33.34
CA VAL C 213 1.73 34.41 -34.04
C VAL C 213 0.48 34.77 -34.85
N ALA C 214 -0.29 35.77 -34.43
CA ALA C 214 -1.51 36.11 -35.15
C ALA C 214 -1.20 36.72 -36.51
N ASN C 215 -0.19 37.58 -36.57
CA ASN C 215 0.24 38.21 -37.82
C ASN C 215 1.48 37.55 -38.40
N SER C 216 1.77 36.32 -38.01
CA SER C 216 2.94 35.60 -38.50
C SER C 216 2.73 35.20 -39.96
N ALA C 217 3.84 34.78 -40.59
CA ALA C 217 3.77 34.38 -41.98
C ALA C 217 3.05 33.05 -42.16
N PHE C 218 3.17 32.16 -41.19
CA PHE C 218 2.66 30.79 -41.35
C PHE C 218 1.15 30.73 -41.50
N VAL C 219 0.43 31.75 -41.03
CA VAL C 219 -1.03 31.71 -41.00
C VAL C 219 -1.69 32.50 -42.12
N GLU C 220 -0.90 33.10 -43.02
CA GLU C 220 -1.43 33.98 -44.07
C GLU C 220 -2.51 33.29 -44.89
N ARG C 221 -2.15 32.27 -45.67
CA ARG C 221 -3.16 31.63 -46.51
C ARG C 221 -4.17 30.84 -45.70
N LEU C 222 -4.10 30.86 -44.38
CA LEU C 222 -5.13 30.21 -43.57
C LEU C 222 -6.23 31.17 -43.16
N ARG C 223 -5.88 32.44 -42.93
CA ARG C 223 -6.91 33.42 -42.62
C ARG C 223 -7.66 33.87 -43.86
N LYS C 224 -6.97 33.94 -45.01
CA LYS C 224 -7.68 34.19 -46.26
C LYS C 224 -8.60 33.03 -46.61
N HIS C 225 -8.22 31.80 -46.24
CA HIS C 225 -9.01 30.62 -46.53
C HIS C 225 -10.15 30.41 -45.55
N GLY C 226 -10.40 31.35 -44.65
CA GLY C 226 -11.50 31.23 -43.72
C GLY C 226 -11.32 30.16 -42.66
N LEU C 227 -10.09 29.89 -42.25
CA LEU C 227 -9.80 28.85 -41.27
C LEU C 227 -9.39 29.49 -39.95
N GLU C 228 -9.76 28.83 -38.86
CA GLU C 228 -9.48 29.32 -37.51
C GLU C 228 -8.21 28.64 -37.00
N VAL C 229 -7.32 29.42 -36.39
CA VAL C 229 -6.04 28.93 -35.91
C VAL C 229 -5.87 29.30 -34.44
N ILE C 230 -5.34 28.36 -33.65
CA ILE C 230 -5.24 28.50 -32.21
C ILE C 230 -3.86 29.02 -31.83
N TYR C 231 -3.81 30.01 -30.94
CA TYR C 231 -2.58 30.65 -30.50
C TYR C 231 -2.13 30.00 -29.20
N MET C 232 -1.06 29.21 -29.25
CA MET C 232 -0.51 28.55 -28.06
C MET C 232 0.82 29.22 -27.67
N ILE C 233 0.75 30.11 -26.68
CA ILE C 233 1.90 30.92 -26.28
C ILE C 233 2.54 30.45 -24.99
N GLU C 234 1.86 29.59 -24.20
CA GLU C 234 2.59 29.23 -22.99
C GLU C 234 3.56 28.10 -23.27
N PRO C 235 4.74 28.10 -22.64
CA PRO C 235 5.72 27.04 -22.92
C PRO C 235 5.21 25.65 -22.57
N ILE C 236 4.25 25.54 -21.66
CA ILE C 236 3.65 24.24 -21.35
C ILE C 236 3.09 23.59 -22.60
N ASP C 237 2.42 24.38 -23.44
CA ASP C 237 1.74 23.85 -24.62
C ASP C 237 2.70 23.06 -25.50
N GLU C 238 3.98 23.45 -25.53
CA GLU C 238 4.96 22.73 -26.33
C GLU C 238 5.01 21.26 -25.94
N TYR C 239 4.93 20.98 -24.64
CA TYR C 239 4.86 19.59 -24.17
C TYR C 239 3.43 19.07 -24.18
N CYS C 240 2.45 19.95 -23.95
CA CYS C 240 1.06 19.55 -23.90
C CYS C 240 0.63 18.89 -25.21
N VAL C 241 0.90 19.55 -26.33
CA VAL C 241 0.50 19.01 -27.63
C VAL C 241 1.23 17.71 -27.95
N GLN C 242 2.40 17.48 -27.36
CA GLN C 242 3.14 16.26 -27.64
C GLN C 242 2.35 15.01 -27.26
N GLN C 243 1.42 15.13 -26.31
CA GLN C 243 0.56 14.03 -25.93
C GLN C 243 -0.91 14.30 -26.21
N LEU C 244 -1.29 15.53 -26.53
CA LEU C 244 -2.66 15.85 -26.92
C LEU C 244 -2.74 15.71 -28.43
N LYS C 245 -3.04 14.48 -28.87
CA LYS C 245 -3.01 14.16 -30.30
C LYS C 245 -4.25 14.68 -31.02
N GLU C 246 -5.44 14.36 -30.50
CA GLU C 246 -6.68 14.66 -31.18
C GLU C 246 -7.74 15.04 -30.16
N PHE C 247 -8.69 15.87 -30.61
CA PHE C 247 -9.85 16.22 -29.80
C PHE C 247 -11.12 15.96 -30.60
N GLU C 248 -12.02 15.16 -30.05
CA GLU C 248 -13.33 14.89 -30.63
C GLU C 248 -13.22 14.50 -32.10
N GLY C 249 -12.18 13.74 -32.44
CA GLY C 249 -12.01 13.22 -33.78
C GLY C 249 -11.02 13.95 -34.66
N LYS C 250 -10.94 15.27 -34.55
CA LYS C 250 -10.04 16.03 -35.40
C LYS C 250 -8.63 16.03 -34.83
N THR C 251 -7.65 15.70 -35.68
CA THR C 251 -6.26 15.69 -35.24
C THR C 251 -5.67 17.10 -35.32
N LEU C 252 -4.66 17.35 -34.50
CA LEU C 252 -4.02 18.66 -34.44
C LEU C 252 -2.79 18.70 -35.33
N VAL C 253 -2.57 19.86 -35.95
CA VAL C 253 -1.43 20.08 -36.84
C VAL C 253 -0.84 21.43 -36.52
N SER C 254 0.49 21.52 -36.48
CA SER C 254 1.18 22.76 -36.20
C SER C 254 1.48 23.47 -37.50
N VAL C 255 1.12 24.77 -37.56
CA VAL C 255 1.40 25.57 -38.74
C VAL C 255 2.86 25.99 -38.82
N THR C 256 3.67 25.61 -37.82
CA THR C 256 5.11 25.85 -37.86
C THR C 256 5.87 24.66 -38.41
N LYS C 257 5.23 23.51 -38.57
CA LYS C 257 5.87 22.30 -39.03
C LYS C 257 5.68 22.09 -40.52
N GLU C 258 6.55 21.28 -41.12
CA GLU C 258 6.51 21.02 -42.54
C GLU C 258 5.25 20.23 -42.91
N GLY C 259 5.04 20.07 -44.20
CA GLY C 259 3.93 19.26 -44.69
C GLY C 259 2.56 19.75 -44.24
N LEU C 260 2.34 21.06 -44.28
CA LEU C 260 1.07 21.61 -43.82
C LEU C 260 -0.04 21.15 -44.76
N GLU C 261 -0.83 20.19 -44.32
CA GLU C 261 -1.98 19.75 -45.10
C GLU C 261 -3.17 20.66 -44.82
N LEU C 262 -3.85 21.06 -45.88
CA LEU C 262 -5.05 21.87 -45.79
C LEU C 262 -6.04 21.35 -46.81
N PRO C 263 -7.34 21.59 -46.61
CA PRO C 263 -8.34 21.06 -47.56
C PRO C 263 -8.28 21.70 -48.94
N GLU C 264 -7.23 21.41 -49.71
CA GLU C 264 -7.16 21.88 -51.09
C GLU C 264 -8.07 20.99 -51.95
N ASP C 265 -9.37 21.14 -51.74
CA ASP C 265 -10.36 20.47 -52.57
C ASP C 265 -10.60 21.20 -53.87
N GLU C 266 -10.02 22.39 -54.02
CA GLU C 266 -9.78 22.97 -55.33
C GLU C 266 -8.87 22.03 -56.10
N GLU C 267 -9.43 21.29 -57.05
CA GLU C 267 -8.64 20.39 -57.87
C GLU C 267 -7.70 21.18 -58.79
N GLU C 268 -7.76 22.50 -58.68
CA GLU C 268 -6.89 23.35 -59.47
C GLU C 268 -5.50 23.23 -58.88
N LYS C 269 -5.39 22.46 -57.81
CA LYS C 269 -4.12 22.25 -57.15
C LYS C 269 -3.15 22.23 -58.31
N LYS C 270 -3.62 21.64 -59.40
CA LYS C 270 -2.85 21.58 -60.63
C LYS C 270 -2.06 22.89 -60.69
N LYS C 271 -2.74 24.01 -60.48
CA LYS C 271 -2.06 25.29 -60.49
C LYS C 271 -0.98 25.32 -59.42
N GLN C 272 -1.26 24.76 -58.25
CA GLN C 272 -0.21 24.57 -57.26
C GLN C 272 0.86 23.60 -57.76
N GLU C 273 0.46 22.66 -58.62
CA GLU C 273 1.42 21.73 -59.22
C GLU C 273 2.24 22.38 -60.33
N GLU C 274 1.62 23.19 -61.19
CA GLU C 274 2.40 23.91 -62.19
C GLU C 274 3.43 24.82 -61.54
N LYS C 275 3.07 25.48 -60.45
CA LYS C 275 4.05 26.26 -59.69
C LYS C 275 5.12 25.35 -59.08
N LYS C 276 4.75 24.12 -58.73
CA LYS C 276 5.70 23.20 -58.11
C LYS C 276 6.88 22.90 -59.02
N THR C 277 6.60 22.52 -60.28
CA THR C 277 7.68 22.17 -61.18
C THR C 277 8.35 23.39 -61.80
N LYS C 278 7.60 24.49 -61.94
CA LYS C 278 8.17 25.70 -62.52
C LYS C 278 9.30 26.24 -61.65
N PHE C 279 9.12 26.22 -60.33
CA PHE C 279 10.09 26.74 -59.39
C PHE C 279 11.05 25.68 -58.87
N GLU C 280 10.98 24.45 -59.41
CA GLU C 280 11.85 23.38 -58.96
C GLU C 280 13.32 23.68 -59.23
N ASN C 281 13.62 24.41 -60.30
CA ASN C 281 15.00 24.85 -60.54
C ASN C 281 15.49 25.75 -59.40
N LEU C 282 14.74 26.82 -59.10
CA LEU C 282 15.14 27.72 -58.02
C LEU C 282 15.28 26.99 -56.69
N CYS C 283 14.42 26.01 -56.43
CA CYS C 283 14.51 25.25 -55.18
C CYS C 283 15.83 24.49 -55.12
N LYS C 284 16.16 23.76 -56.18
CA LYS C 284 17.40 23.00 -56.22
C LYS C 284 18.63 23.89 -56.11
N ILE C 285 18.53 25.13 -56.60
CA ILE C 285 19.67 26.05 -56.54
C ILE C 285 19.89 26.52 -55.11
N MET C 286 18.83 26.99 -54.46
CA MET C 286 18.95 27.51 -53.10
C MET C 286 19.37 26.44 -52.11
N LYS C 287 19.06 25.17 -52.40
CA LYS C 287 19.50 24.08 -51.54
C LYS C 287 21.02 24.01 -51.45
N ASP C 288 21.71 24.25 -52.56
CA ASP C 288 23.16 24.20 -52.56
C ASP C 288 23.78 25.54 -52.20
N ILE C 289 23.10 26.64 -52.51
CA ILE C 289 23.60 27.96 -52.12
C ILE C 289 23.75 28.05 -50.61
N LEU C 290 22.93 27.31 -49.86
CA LEU C 290 22.99 27.31 -48.41
C LEU C 290 23.76 26.13 -47.84
N GLU C 291 23.91 25.05 -48.62
CA GLU C 291 24.63 23.85 -48.20
C GLU C 291 23.94 23.28 -46.97
N LYS C 292 24.63 23.17 -45.83
CA LYS C 292 24.13 22.50 -44.64
C LYS C 292 23.17 23.35 -43.84
N LYS C 293 23.01 24.64 -44.18
CA LYS C 293 22.20 25.53 -43.38
C LYS C 293 20.72 25.18 -43.42
N VAL C 294 20.27 24.43 -44.42
CA VAL C 294 18.88 23.99 -44.51
C VAL C 294 18.89 22.55 -45.02
N GLU C 295 17.79 21.85 -44.76
CA GLU C 295 17.64 20.46 -45.16
C GLU C 295 16.93 20.32 -46.51
N LYS C 296 15.88 21.11 -46.74
CA LYS C 296 15.22 21.16 -48.04
C LYS C 296 14.73 22.58 -48.31
N VAL C 297 14.58 22.89 -49.59
CA VAL C 297 13.98 24.14 -50.03
C VAL C 297 12.83 23.77 -50.95
N VAL C 298 11.61 24.06 -50.53
CA VAL C 298 10.41 23.66 -51.25
C VAL C 298 9.47 24.86 -51.39
N VAL C 299 8.43 24.67 -52.18
CA VAL C 299 7.46 25.71 -52.48
C VAL C 299 6.40 25.74 -51.38
N SER C 300 6.13 26.94 -50.86
CA SER C 300 5.12 27.10 -49.82
C SER C 300 3.73 26.94 -50.38
N ASN C 301 2.85 26.31 -49.59
CA ASN C 301 1.42 26.30 -49.88
C ASN C 301 0.63 27.00 -48.79
N ARG C 302 1.26 27.92 -48.06
CA ARG C 302 0.64 28.58 -46.92
C ARG C 302 0.91 30.07 -46.85
N LEU C 303 1.66 30.62 -47.80
CA LEU C 303 2.16 31.98 -47.72
C LEU C 303 1.47 32.85 -48.77
N VAL C 304 0.95 34.00 -48.34
CA VAL C 304 0.35 34.96 -49.25
C VAL C 304 1.25 36.18 -49.40
N THR C 305 1.29 37.03 -48.39
CA THR C 305 2.00 38.30 -48.50
C THR C 305 3.50 38.14 -48.26
N SER C 306 3.91 37.12 -47.48
CA SER C 306 5.33 36.95 -47.22
C SER C 306 5.97 36.08 -48.30
N PRO C 307 7.20 36.37 -48.68
CA PRO C 307 7.86 35.58 -49.74
C PRO C 307 8.33 34.22 -49.27
N CYS C 308 8.71 34.10 -48.00
CA CYS C 308 9.29 32.85 -47.52
C CYS C 308 9.07 32.70 -46.02
N CYS C 309 9.24 31.47 -45.54
CA CYS C 309 9.18 31.17 -44.11
C CYS C 309 10.00 29.92 -43.84
N ILE C 310 10.33 29.70 -42.57
CA ILE C 310 11.07 28.52 -42.13
C ILE C 310 10.09 27.66 -41.35
N VAL C 311 9.77 26.48 -41.87
CA VAL C 311 8.96 25.52 -41.16
C VAL C 311 9.88 24.45 -40.59
N THR C 312 9.35 23.62 -39.71
CA THR C 312 10.18 22.71 -38.96
C THR C 312 9.81 21.27 -39.29
N SER C 313 10.73 20.37 -38.98
CA SER C 313 10.52 18.94 -39.22
C SER C 313 9.33 18.44 -38.43
N THR C 314 8.65 17.43 -38.98
CA THR C 314 7.42 16.92 -38.38
C THR C 314 7.66 16.41 -36.96
N TYR C 315 8.48 15.37 -36.81
CA TYR C 315 8.75 14.80 -35.50
C TYR C 315 9.86 15.51 -34.73
N GLY C 316 10.42 16.59 -35.27
CA GLY C 316 11.51 17.30 -34.61
C GLY C 316 11.02 18.38 -33.66
N TRP C 317 11.98 19.09 -33.07
CA TRP C 317 11.70 20.24 -32.22
C TRP C 317 10.92 21.31 -32.98
N THR C 318 10.55 22.36 -32.25
CA THR C 318 9.86 23.51 -32.80
C THR C 318 10.81 24.70 -32.81
N ALA C 319 10.52 25.66 -33.69
CA ALA C 319 11.16 26.96 -33.59
C ALA C 319 11.05 27.50 -32.17
N ASN C 320 9.86 27.40 -31.60
CA ASN C 320 9.65 27.74 -30.20
C ASN C 320 10.50 26.86 -29.29
N MET C 321 10.42 25.53 -29.49
CA MET C 321 11.16 24.59 -28.66
C MET C 321 12.65 24.87 -28.66
N GLU C 322 13.24 25.01 -29.85
CA GLU C 322 14.68 25.27 -29.93
C GLU C 322 15.06 26.52 -29.16
N ARG C 323 14.15 27.49 -29.09
CA ARG C 323 14.40 28.69 -28.30
C ARG C 323 14.28 28.39 -26.81
N ILE C 324 13.24 27.64 -26.42
CA ILE C 324 13.02 27.36 -25.00
C ILE C 324 14.16 26.52 -24.43
N MET C 325 14.48 25.41 -25.10
CA MET C 325 15.51 24.52 -24.61
C MET C 325 16.80 25.28 -24.36
N LYS C 326 17.15 26.19 -25.27
CA LYS C 326 18.37 26.97 -25.12
C LYS C 326 18.22 28.02 -24.03
N ALA C 327 17.08 28.70 -23.97
CA ALA C 327 16.91 29.76 -22.98
C ALA C 327 16.82 29.21 -21.58
N GLN C 328 16.16 28.08 -21.39
CA GLN C 328 16.12 27.44 -20.08
C GLN C 328 17.48 26.83 -19.74
N ALA C 329 18.01 25.98 -20.62
CA ALA C 329 19.24 25.28 -20.31
C ALA C 329 20.43 26.22 -20.14
N LEU C 330 20.26 27.52 -20.33
CA LEU C 330 21.27 28.49 -19.90
C LEU C 330 21.44 28.46 -18.39
N ARG C 331 20.45 27.98 -17.64
CA ARG C 331 20.55 27.92 -16.19
C ARG C 331 21.64 26.95 -15.74
N ASP C 332 21.72 25.80 -16.38
CA ASP C 332 22.67 24.75 -16.02
C ASP C 332 23.83 24.67 -17.02
N ASN C 333 24.29 25.84 -17.50
CA ASN C 333 25.33 26.00 -18.52
C ASN C 333 25.37 25.09 -19.73
N SER C 334 24.25 24.95 -20.43
CA SER C 334 24.14 23.94 -21.46
C SER C 334 24.97 24.08 -22.74
N THR C 335 24.84 23.05 -23.58
CA THR C 335 25.43 23.01 -24.91
C THR C 335 24.55 22.15 -25.81
N MET C 336 24.27 22.64 -27.00
CA MET C 336 23.38 21.97 -27.95
C MET C 336 24.20 21.54 -29.17
N GLY C 337 24.67 20.29 -29.20
CA GLY C 337 25.32 19.80 -30.40
C GLY C 337 24.61 18.61 -31.00
N TYR C 338 24.17 17.69 -30.14
CA TYR C 338 23.53 16.46 -30.58
C TYR C 338 22.06 16.54 -30.95
N MET C 339 21.41 17.64 -30.55
CA MET C 339 19.99 17.81 -30.84
C MET C 339 19.62 19.23 -31.26
N ALA C 340 18.83 19.33 -32.33
CA ALA C 340 18.37 20.61 -32.85
C ALA C 340 17.07 20.34 -33.62
N ALA C 341 16.67 21.31 -34.43
CA ALA C 341 15.47 21.19 -35.26
C ALA C 341 15.86 21.24 -36.72
N LYS C 342 15.46 20.23 -37.48
CA LYS C 342 15.70 20.22 -38.91
C LYS C 342 14.87 21.30 -39.58
N LYS C 343 15.50 22.12 -40.41
CA LYS C 343 14.85 23.29 -40.96
C LYS C 343 14.47 23.06 -42.42
N HIS C 344 13.35 23.64 -42.81
CA HIS C 344 12.89 23.67 -44.20
C HIS C 344 12.57 25.11 -44.58
N LEU C 345 12.97 25.50 -45.78
CA LEU C 345 12.73 26.84 -46.30
C LEU C 345 11.64 26.77 -47.35
N GLU C 346 10.52 27.44 -47.08
CA GLU C 346 9.39 27.48 -47.99
C GLU C 346 9.36 28.83 -48.69
N ILE C 347 9.17 28.82 -50.01
CA ILE C 347 9.12 30.04 -50.81
C ILE C 347 7.72 30.19 -51.38
N ASN C 348 7.20 31.41 -51.34
CA ASN C 348 5.88 31.76 -51.83
C ASN C 348 5.93 31.98 -53.35
N PRO C 349 5.27 31.13 -54.14
CA PRO C 349 5.38 31.28 -55.60
C PRO C 349 4.79 32.57 -56.13
N ASP C 350 3.65 33.02 -55.61
CA ASP C 350 2.94 34.17 -56.16
C ASP C 350 3.49 35.51 -55.68
N HIS C 351 4.61 35.52 -54.96
CA HIS C 351 5.22 36.78 -54.55
C HIS C 351 6.18 37.25 -55.64
N SER C 352 6.29 38.57 -55.77
CA SER C 352 7.10 39.13 -56.85
C SER C 352 8.57 38.81 -56.66
N ILE C 353 9.05 38.78 -55.42
CA ILE C 353 10.47 38.53 -55.16
C ILE C 353 10.87 37.13 -55.60
N ILE C 354 9.95 36.16 -55.45
CA ILE C 354 10.28 34.78 -55.83
C ILE C 354 10.30 34.61 -57.34
N GLU C 355 9.34 35.23 -58.03
CA GLU C 355 9.32 35.15 -59.50
C GLU C 355 10.58 35.75 -60.08
N THR C 356 10.90 36.99 -59.68
CA THR C 356 12.10 37.65 -60.17
C THR C 356 13.36 36.88 -59.77
N LEU C 357 13.34 36.22 -58.62
CA LEU C 357 14.48 35.38 -58.24
C LEU C 357 14.60 34.16 -59.13
N ARG C 358 13.47 33.60 -59.58
CA ARG C 358 13.53 32.48 -60.52
C ARG C 358 14.18 32.89 -61.83
N GLN C 359 14.00 34.15 -62.24
CA GLN C 359 14.57 34.63 -63.49
C GLN C 359 16.08 34.85 -63.35
N LYS C 360 16.49 35.63 -62.35
CA LYS C 360 17.91 35.89 -62.15
C LYS C 360 18.72 34.62 -61.95
N ALA C 361 18.12 33.59 -61.34
CA ALA C 361 18.83 32.37 -61.03
C ALA C 361 18.97 31.45 -62.25
N GLU C 362 17.88 31.22 -62.97
CA GLU C 362 17.95 30.36 -64.15
C GLU C 362 18.68 31.02 -65.31
N ALA C 363 18.99 32.31 -65.22
CA ALA C 363 19.80 32.98 -66.24
C ALA C 363 21.30 32.80 -65.95
N ASP C 364 21.73 33.20 -64.76
CA ASP C 364 23.14 33.06 -64.35
C ASP C 364 23.15 32.69 -62.87
N LYS C 365 23.17 31.39 -62.59
CA LYS C 365 23.09 30.88 -61.23
C LYS C 365 24.38 31.07 -60.45
N ASN C 366 25.44 31.60 -61.07
CA ASN C 366 26.66 31.96 -60.37
C ASN C 366 26.73 33.45 -60.07
N ASP C 367 25.65 34.17 -60.33
CA ASP C 367 25.58 35.59 -60.03
C ASP C 367 25.69 35.81 -58.53
N LYS C 368 26.69 36.58 -58.11
CA LYS C 368 26.87 36.88 -56.70
C LYS C 368 25.70 37.68 -56.13
N SER C 369 24.93 38.34 -56.99
CA SER C 369 23.70 38.98 -56.55
C SER C 369 22.63 37.95 -56.19
N VAL C 370 22.57 36.84 -56.92
CA VAL C 370 21.60 35.79 -56.61
C VAL C 370 21.94 35.10 -55.29
N LYS C 371 23.21 34.74 -55.09
CA LYS C 371 23.63 34.12 -53.84
C LYS C 371 23.36 35.03 -52.65
N ASP C 372 23.64 36.32 -52.78
CA ASP C 372 23.40 37.26 -51.69
C ASP C 372 21.92 37.32 -51.31
N LEU C 373 21.03 37.24 -52.31
CA LEU C 373 19.61 37.35 -52.01
C LEU C 373 19.07 36.11 -51.32
N VAL C 374 19.56 34.93 -51.71
CA VAL C 374 19.09 33.69 -51.09
C VAL C 374 19.46 33.68 -49.61
N ILE C 375 20.70 34.05 -49.30
CA ILE C 375 21.14 34.10 -47.90
C ILE C 375 20.33 35.14 -47.14
N LEU C 376 20.13 36.32 -47.73
CA LEU C 376 19.41 37.38 -47.04
C LEU C 376 17.98 36.96 -46.70
N LEU C 377 17.26 36.36 -47.65
CA LEU C 377 15.92 35.88 -47.37
C LEU C 377 15.92 34.80 -46.30
N TYR C 378 16.91 33.91 -46.35
CA TYR C 378 17.00 32.85 -45.36
C TYR C 378 17.13 33.42 -43.95
N GLU C 379 17.97 34.44 -43.79
CA GLU C 379 18.18 35.01 -42.46
C GLU C 379 16.93 35.73 -41.94
N THR C 380 16.33 36.60 -42.76
CA THR C 380 15.12 37.29 -42.32
C THR C 380 13.97 36.31 -42.09
N ALA C 381 13.93 35.21 -42.85
CA ALA C 381 12.91 34.20 -42.61
C ALA C 381 13.14 33.49 -41.27
N LEU C 382 14.39 33.31 -40.88
CA LEU C 382 14.68 32.79 -39.54
C LEU C 382 14.10 33.72 -38.47
N LEU C 383 14.32 35.03 -38.64
CA LEU C 383 13.72 36.00 -37.74
C LEU C 383 12.20 35.92 -37.79
N SER C 384 11.64 35.75 -39.00
CA SER C 384 10.20 35.64 -39.13
C SER C 384 9.67 34.41 -38.41
N SER C 385 10.47 33.35 -38.33
CA SER C 385 10.03 32.08 -37.79
C SER C 385 10.36 31.90 -36.32
N GLY C 386 10.97 32.90 -35.67
CA GLY C 386 11.24 32.81 -34.25
C GLY C 386 12.57 32.20 -33.88
N PHE C 387 13.56 32.24 -34.77
CA PHE C 387 14.88 31.70 -34.49
C PHE C 387 15.84 32.81 -34.08
N SER C 388 17.06 32.41 -33.73
CA SER C 388 18.15 33.33 -33.47
C SER C 388 19.15 33.25 -34.61
N LEU C 389 19.86 34.35 -34.86
CA LEU C 389 20.75 34.42 -36.01
C LEU C 389 22.12 33.85 -35.66
N GLU C 390 22.79 33.33 -36.69
CA GLU C 390 24.13 32.78 -36.52
C GLU C 390 25.12 33.87 -36.08
N ASP C 391 25.29 34.89 -36.91
CA ASP C 391 26.19 36.01 -36.61
C ASP C 391 25.43 37.30 -36.87
N PRO C 392 25.05 38.04 -35.83
CA PRO C 392 24.22 39.24 -36.06
C PRO C 392 24.91 40.31 -36.89
N GLN C 393 26.20 40.57 -36.65
CA GLN C 393 26.88 41.61 -37.41
C GLN C 393 27.03 41.22 -38.88
N THR C 394 27.08 39.92 -39.17
CA THR C 394 27.12 39.47 -40.56
C THR C 394 25.81 39.80 -41.27
N HIS C 395 24.68 39.39 -40.68
CA HIS C 395 23.39 39.75 -41.26
C HIS C 395 23.23 41.26 -41.35
N ALA C 396 23.73 41.98 -40.33
CA ALA C 396 23.66 43.44 -40.35
C ALA C 396 24.41 44.00 -41.54
N ASN C 397 25.65 43.54 -41.77
CA ASN C 397 26.41 44.00 -42.91
C ASN C 397 25.74 43.63 -44.23
N ARG C 398 25.02 42.52 -44.25
CA ARG C 398 24.27 42.15 -45.45
C ARG C 398 23.15 43.16 -45.72
N ILE C 399 22.48 43.62 -44.67
CA ILE C 399 21.45 44.64 -44.84
C ILE C 399 22.07 45.94 -45.31
N TYR C 400 23.22 46.30 -44.75
CA TYR C 400 23.91 47.53 -45.15
C TYR C 400 24.31 47.49 -46.62
N ARG C 401 24.71 46.32 -47.13
CA ARG C 401 24.97 46.21 -48.56
C ARG C 401 23.69 46.37 -49.38
N MET C 402 22.58 45.83 -48.89
CA MET C 402 21.33 45.96 -49.63
C MET C 402 20.85 47.40 -49.67
N ILE C 403 21.13 48.17 -48.62
CA ILE C 403 20.76 49.58 -48.62
C ILE C 403 21.60 50.37 -49.61
N LYS C 404 22.90 50.10 -49.67
CA LYS C 404 23.75 50.76 -50.66
C LYS C 404 23.26 50.52 -52.08
N LEU C 405 22.63 49.37 -52.35
CA LEU C 405 22.12 49.12 -53.69
C LEU C 405 20.87 49.94 -53.98
N GLY C 406 19.97 50.06 -52.99
CA GLY C 406 18.84 50.95 -53.15
C GLY C 406 19.26 52.37 -53.46
N LEU C 407 20.36 52.80 -52.84
CA LEU C 407 20.89 54.13 -53.06
C LEU C 407 21.88 54.17 -54.23
N GLY C 408 22.37 53.02 -54.65
CA GLY C 408 23.31 52.97 -55.76
C GLY C 408 24.66 53.59 -55.49
N ILE C 409 25.35 53.15 -54.44
CA ILE C 409 26.68 53.63 -54.14
C ILE C 409 27.71 52.79 -54.90
C1 MDC D . 17.06 12.67 -9.02
C2 MDC D . 17.20 12.64 -10.40
C3 MDC D . 15.92 12.39 -10.88
O3 MDC D . 15.60 12.27 -12.22
N4 MDC D . 15.07 12.25 -9.90
C5 MDC D . 15.72 12.42 -8.75
O5 MDC D . 15.17 12.33 -7.48
C6 MDC D . 13.63 11.98 -10.04
C7 MDC D . 12.72 12.80 -9.52
N8 MDC D . 13.25 13.94 -8.80
C9 MDC D . 13.90 14.93 -9.62
O9 MDC D . 13.93 14.81 -10.79
O11 MDC D . 14.66 18.50 -8.89
C12 MDC D . 14.06 17.42 -9.33
O12 MDC D . 12.86 17.53 -10.05
C13 MDC D . 14.58 16.17 -9.07
C14 MDC D . 15.82 16.04 -8.35
C24 MDC D . 16.43 17.28 -7.89
C28 MDC D . 15.81 18.45 -8.19
C15 MDC D . 17.65 17.32 -7.15
C16 MDC D . 18.20 18.54 -6.74
C17 MDC D . 17.53 19.73 -7.07
N17 MDC D . 17.96 21.08 -6.72
C18 MDC D . 16.35 19.69 -7.79
C19 MDC D . 16.98 21.96 -6.11
C20 MDC D . 17.10 22.04 -4.60
C21 MDC D . 19.27 21.60 -7.08
C22 MDC D . 19.88 20.91 -8.31
C1 MDC E . 12.35 19.92 26.74
C2 MDC E . 12.78 18.92 25.87
C3 MDC E . 13.58 18.10 26.62
O3 MDC E . 14.24 16.97 26.14
N4 MDC E . 13.69 18.58 27.85
C5 MDC E . 12.95 19.66 27.96
O5 MDC E . 12.78 20.44 29.12
C6 MDC E . 14.48 17.94 28.89
C7 MDC E . 15.80 17.92 28.80
N8 MDC E . 16.28 18.64 27.65
C9 MDC E . 16.80 19.95 27.92
O9 MDC E . 16.80 20.35 29.03
O11 MDC E . 18.62 21.65 25.05
C12 MDC E . 18.43 20.82 26.06
O12 MDC E . 19.42 19.90 26.45
C13 MDC E . 17.22 20.84 26.76
C14 MDC E . 16.21 21.74 26.36
C24 MDC E . 16.47 22.63 25.26
C28 MDC E . 17.68 22.55 24.63
C15 MDC E . 15.45 23.54 24.90
C16 MDC E . 15.68 24.38 23.85
C17 MDC E . 16.92 24.35 23.23
N17 MDC E . 16.93 25.25 22.12
C18 MDC E . 17.93 23.43 23.54
C19 MDC E . 17.15 26.65 22.23
C20 MDC E . 15.83 27.31 21.85
C21 MDC E . 16.47 24.50 20.96
C22 MDC E . 16.78 24.90 19.53
C1 MDC F . 0.34 8.70 2.05
C2 MDC F . -0.58 8.04 2.85
C3 MDC F . -0.23 6.70 2.80
O3 MDC F . -0.88 5.67 3.48
N4 MDC F . 0.83 6.55 2.02
C5 MDC F . 1.19 7.75 1.55
O5 MDC F . 2.27 8.00 0.69
C6 MDC F . 1.49 5.29 1.72
C7 MDC F . 2.39 4.81 2.56
N8 MDC F . 2.73 5.53 3.77
C9 MDC F . 2.62 4.91 5.09
O9 MDC F . 2.26 3.79 5.19
O11 MDC F . 4.35 7.40 7.31
C12 MDC F . 4.00 6.68 6.27
O12 MDC F . 4.67 6.84 5.05
C13 MDC F . 2.98 5.73 6.34
C14 MDC F . 2.31 5.57 7.60
C24 MDC F . 2.74 6.41 8.72
C28 MDC F . 3.76 7.29 8.51
C15 MDC F . 2.13 6.31 9.99
C16 MDC F . 2.58 7.13 11.02
C17 MDC F . 3.62 8.04 10.82
N17 MDC F . 4.06 8.89 11.92
C18 MDC F . 4.22 8.14 9.58
C19 MDC F . 3.51 10.22 12.04
C20 MDC F . 2.26 10.21 12.91
C21 MDC F . 5.04 8.39 12.87
C22 MDC F . 6.10 9.46 13.10
#